data_5EEH
#
_entry.id   5EEH
#
_cell.length_a   123.347
_cell.length_b   110.678
_cell.length_c   116.869
_cell.angle_alpha   90.000
_cell.angle_beta   120.240
_cell.angle_gamma   90.000
#
_symmetry.space_group_name_H-M   'C 1 2 1'
#
loop_
_entity.id
_entity.type
_entity.pdbx_description
1 polymer 'Carminomycin 4-O-methyltransferase DnrK'
2 non-polymer S-ADENOSYL-L-HOMOCYSTEINE
3 non-polymer 2-chloranyl-4-nitro-phenol
4 non-polymer 'SULFATE ION'
5 water water
#
_entity_poly.entity_id   1
_entity_poly.type   'polypeptide(L)'
_entity_poly.pdbx_seq_one_letter_code
;MGSSHHHHHHSSGLVPRGSHMTAEPTVAARPQQIDALRTLIRLGSLHTPMVVRTAATLRLVDHILAGARTVKALAARTDT
RPEALLRLIRHLVAIGLLEEDAPGEFVPTEVGELLADDHPAAQRAWHDLTQAVARADISFTRLPDAIRTGRPTYESIYGK
PFYEDLAGRPDLRASFDSLLACDQDVAFDAPAAAYDWTNVRHVLDVGGGKGGFAAAIARRAPHVSATVLEMAGTVDTARS
YLKDEGLSDRVDVVEGDFFEPLPRKADAIILSFVLLNWPDHDAVRILTRCAEALEPGGRILIHERDDLHENSFNEQFTEL
DLRMLVFLGGALRTREKWDGLAASAGLVVEEVRQLPSPTIPYDLSLLVLAPAATGA
;
_entity_poly.pdbx_strand_id   A,B,C
#
loop_
_chem_comp.id
_chem_comp.type
_chem_comp.name
_chem_comp.formula
P9P non-polymer 2-chloranyl-4-nitro-phenol 'C6 H4 Cl N O3'
SO4 non-polymer 'SULFATE ION' 'O4 S -2'
#
# COMPACT_ATOMS: atom_id res chain seq x y z
N PRO A 31 -12.17 -48.54 -14.67
CA PRO A 31 -12.97 -48.43 -13.44
C PRO A 31 -13.09 -46.98 -12.97
N GLN A 32 -14.31 -46.55 -12.69
CA GLN A 32 -14.63 -45.14 -12.50
C GLN A 32 -14.05 -44.46 -11.25
N GLN A 33 -13.78 -45.24 -10.22
CA GLN A 33 -13.31 -44.65 -8.96
C GLN A 33 -11.79 -44.67 -8.80
N ILE A 34 -11.06 -45.15 -9.81
CA ILE A 34 -9.61 -45.24 -9.66
C ILE A 34 -8.94 -43.88 -9.45
N ASP A 35 -9.43 -42.84 -10.13
CA ASP A 35 -8.86 -41.50 -9.95
C ASP A 35 -9.06 -41.02 -8.53
N ALA A 36 -10.28 -41.18 -8.02
CA ALA A 36 -10.57 -40.79 -6.64
C ALA A 36 -9.73 -41.59 -5.64
N LEU A 37 -9.56 -42.88 -5.89
CA LEU A 37 -8.75 -43.72 -5.02
C LEU A 37 -7.31 -43.25 -4.96
N ARG A 38 -6.74 -42.95 -6.12
CA ARG A 38 -5.35 -42.50 -6.17
C ARG A 38 -5.20 -41.18 -5.44
N THR A 39 -6.18 -40.30 -5.63
CA THR A 39 -6.17 -39.02 -4.95
C THR A 39 -6.17 -39.20 -3.44
N LEU A 40 -7.07 -40.06 -2.95
CA LEU A 40 -7.14 -40.31 -1.50
C LEU A 40 -5.85 -40.94 -0.97
N ILE A 41 -5.33 -41.92 -1.68
CA ILE A 41 -4.10 -42.55 -1.24
C ILE A 41 -2.94 -41.57 -1.17
N ARG A 42 -2.81 -40.73 -2.19
CA ARG A 42 -1.76 -39.71 -2.15
C ARG A 42 -1.92 -38.77 -0.97
N LEU A 43 -3.13 -38.26 -0.76
CA LEU A 43 -3.38 -37.33 0.35
C LEU A 43 -3.08 -37.99 1.69
N GLY A 44 -3.38 -39.28 1.78
CA GLY A 44 -3.22 -39.98 3.05
C GLY A 44 -1.84 -40.57 3.30
N SER A 45 -0.93 -40.39 2.34
N SER A 45 -0.93 -40.41 2.34
CA SER A 45 0.39 -40.99 2.41
CA SER A 45 0.39 -41.06 2.41
C SER A 45 1.30 -40.31 3.43
C SER A 45 1.32 -40.35 3.39
N LEU A 46 1.76 -41.07 4.42
CA LEU A 46 2.67 -40.51 5.41
C LEU A 46 4.12 -40.60 4.93
N HIS A 47 4.43 -41.60 4.09
CA HIS A 47 5.83 -41.73 3.66
C HIS A 47 6.26 -40.58 2.73
N THR A 48 5.34 -40.04 1.94
CA THR A 48 5.74 -39.04 0.97
C THR A 48 6.32 -37.77 1.67
N PRO A 49 5.59 -37.16 2.62
CA PRO A 49 6.24 -36.00 3.27
C PRO A 49 7.49 -36.38 4.04
N MET A 50 7.55 -37.58 4.61
CA MET A 50 8.76 -37.98 5.33
C MET A 50 9.93 -38.20 4.37
N VAL A 51 9.64 -38.62 3.14
CA VAL A 51 10.69 -38.72 2.12
C VAL A 51 11.21 -37.34 1.75
N VAL A 52 10.30 -36.38 1.58
CA VAL A 52 10.73 -35.00 1.30
C VAL A 52 11.59 -34.47 2.45
N ARG A 53 11.13 -34.67 3.68
CA ARG A 53 11.85 -34.14 4.84
C ARG A 53 13.17 -34.88 5.04
N THR A 54 13.20 -36.17 4.71
CA THR A 54 14.48 -36.88 4.78
C THR A 54 15.46 -36.34 3.74
N ALA A 55 14.99 -36.11 2.52
CA ALA A 55 15.84 -35.49 1.50
C ALA A 55 16.37 -34.13 1.94
N ALA A 56 15.51 -33.33 2.55
CA ALA A 56 15.92 -32.00 3.04
C ALA A 56 17.00 -32.13 4.10
N THR A 57 16.75 -33.04 5.04
CA THR A 57 17.64 -33.25 6.18
C THR A 57 19.02 -33.78 5.74
N LEU A 58 19.03 -34.68 4.76
CA LEU A 58 20.29 -35.20 4.21
C LEU A 58 20.97 -34.24 3.24
N ARG A 59 20.34 -33.08 2.98
CA ARG A 59 20.88 -32.09 2.04
C ARG A 59 21.17 -32.70 0.67
N LEU A 60 20.31 -33.65 0.28
CA LEU A 60 20.52 -34.42 -0.94
C LEU A 60 20.63 -33.55 -2.18
N VAL A 61 19.72 -32.58 -2.32
CA VAL A 61 19.73 -31.74 -3.51
C VAL A 61 21.01 -30.90 -3.58
N ASP A 62 21.44 -30.37 -2.43
CA ASP A 62 22.71 -29.65 -2.41
C ASP A 62 23.87 -30.53 -2.91
N HIS A 63 23.92 -31.77 -2.43
CA HIS A 63 25.02 -32.65 -2.80
C HIS A 63 24.97 -32.99 -4.27
N ILE A 64 23.76 -33.13 -4.81
CA ILE A 64 23.59 -33.40 -6.24
C ILE A 64 24.08 -32.20 -7.05
N LEU A 65 23.66 -31.01 -6.64
CA LEU A 65 24.08 -29.81 -7.35
C LEU A 65 25.60 -29.64 -7.32
N ALA A 66 26.22 -30.14 -6.25
CA ALA A 66 27.67 -30.05 -6.11
C ALA A 66 28.41 -31.14 -6.89
N GLY A 67 27.69 -32.04 -7.54
CA GLY A 67 28.35 -32.98 -8.43
C GLY A 67 28.10 -34.46 -8.16
N ALA A 68 27.46 -34.77 -7.04
CA ALA A 68 27.18 -36.16 -6.71
C ALA A 68 25.84 -36.61 -7.30
N ARG A 69 25.87 -37.17 -8.51
CA ARG A 69 24.62 -37.49 -9.21
C ARG A 69 24.26 -38.97 -9.13
N THR A 70 25.24 -39.82 -8.80
CA THR A 70 24.99 -41.25 -8.69
C THR A 70 24.63 -41.63 -7.26
N VAL A 71 23.94 -42.75 -7.12
CA VAL A 71 23.66 -43.28 -5.79
C VAL A 71 24.97 -43.53 -5.01
N LYS A 72 25.98 -44.10 -5.67
CA LYS A 72 27.20 -44.43 -4.95
C LYS A 72 27.92 -43.15 -4.48
N ALA A 73 27.94 -42.11 -5.30
CA ALA A 73 28.53 -40.84 -4.87
C ALA A 73 27.72 -40.19 -3.74
N LEU A 74 26.40 -40.21 -3.87
CA LEU A 74 25.54 -39.58 -2.88
C LEU A 74 25.56 -40.33 -1.56
N ALA A 75 25.66 -41.65 -1.62
CA ALA A 75 25.75 -42.45 -0.40
C ALA A 75 27.02 -42.10 0.37
N ALA A 76 28.11 -41.90 -0.36
CA ALA A 76 29.38 -41.52 0.25
C ALA A 76 29.29 -40.15 0.87
N ARG A 77 28.60 -39.22 0.21
CA ARG A 77 28.51 -37.85 0.71
C ARG A 77 27.62 -37.74 1.94
N THR A 78 26.66 -38.66 2.05
CA THR A 78 25.69 -38.61 3.15
C THR A 78 25.90 -39.71 4.19
N ASP A 79 26.91 -40.56 3.97
CA ASP A 79 27.12 -41.80 4.74
C ASP A 79 25.84 -42.59 4.95
N THR A 80 25.13 -42.83 3.86
CA THR A 80 23.95 -43.67 3.95
C THR A 80 24.25 -44.98 3.25
N ARG A 81 23.41 -45.99 3.48
CA ARG A 81 23.60 -47.27 2.79
C ARG A 81 23.14 -47.15 1.35
N PRO A 82 24.00 -47.49 0.39
CA PRO A 82 23.66 -47.26 -1.02
C PRO A 82 22.30 -47.82 -1.44
N GLU A 83 21.97 -49.06 -1.10
CA GLU A 83 20.69 -49.61 -1.58
C GLU A 83 19.50 -48.91 -0.93
N ALA A 84 19.64 -48.50 0.33
CA ALA A 84 18.56 -47.79 1.00
C ALA A 84 18.40 -46.40 0.42
N LEU A 85 19.52 -45.75 0.07
CA LEU A 85 19.44 -44.41 -0.55
C LEU A 85 18.76 -44.48 -1.92
N LEU A 86 19.08 -45.52 -2.69
CA LEU A 86 18.40 -45.72 -3.97
C LEU A 86 16.89 -45.78 -3.77
N ARG A 87 16.46 -46.45 -2.71
CA ARG A 87 15.03 -46.64 -2.48
C ARG A 87 14.34 -45.32 -2.11
N LEU A 88 15.07 -44.46 -1.42
CA LEU A 88 14.60 -43.11 -1.15
C LEU A 88 14.51 -42.30 -2.45
N ILE A 89 15.59 -42.35 -3.22
CA ILE A 89 15.65 -41.65 -4.49
C ILE A 89 14.54 -42.09 -5.44
N ARG A 90 14.24 -43.38 -5.44
CA ARG A 90 13.16 -43.88 -6.30
C ARG A 90 11.84 -43.16 -6.00
N HIS A 91 11.51 -42.96 -4.71
CA HIS A 91 10.28 -42.23 -4.41
C HIS A 91 10.39 -40.74 -4.78
N LEU A 92 11.57 -40.14 -4.56
CA LEU A 92 11.78 -38.74 -4.97
C LEU A 92 11.58 -38.55 -6.47
N VAL A 93 11.94 -39.57 -7.27
CA VAL A 93 11.65 -39.51 -8.69
C VAL A 93 10.14 -39.69 -8.94
N ALA A 94 9.53 -40.66 -8.26
CA ALA A 94 8.11 -40.94 -8.46
C ALA A 94 7.22 -39.73 -8.20
N ILE A 95 7.59 -38.93 -7.20
CA ILE A 95 6.77 -37.78 -6.85
C ILE A 95 7.24 -36.50 -7.54
N GLY A 96 8.26 -36.60 -8.39
CA GLY A 96 8.66 -35.49 -9.24
C GLY A 96 9.65 -34.47 -8.68
N LEU A 97 10.42 -34.87 -7.66
CA LEU A 97 11.46 -33.98 -7.08
C LEU A 97 12.80 -34.21 -7.74
N LEU A 98 13.05 -35.45 -8.14
CA LEU A 98 14.25 -35.79 -8.89
C LEU A 98 13.87 -36.43 -10.22
N GLU A 99 14.81 -36.42 -11.16
CA GLU A 99 14.62 -37.20 -12.38
C GLU A 99 15.91 -37.87 -12.78
N GLU A 100 15.80 -39.01 -13.44
CA GLU A 100 16.97 -39.74 -13.88
C GLU A 100 17.39 -39.19 -15.22
N ASP A 101 18.50 -38.46 -15.22
CA ASP A 101 19.03 -37.75 -16.38
C ASP A 101 19.70 -38.74 -17.33
N ALA A 102 20.78 -39.35 -16.87
CA ALA A 102 21.45 -40.44 -17.56
C ALA A 102 21.22 -41.73 -16.76
N PRO A 103 21.56 -42.91 -17.33
CA PRO A 103 21.38 -44.12 -16.53
C PRO A 103 22.12 -44.01 -15.18
N GLY A 104 21.38 -44.17 -14.09
CA GLY A 104 21.98 -44.11 -12.77
C GLY A 104 22.39 -42.72 -12.31
N GLU A 105 22.05 -41.67 -13.06
CA GLU A 105 22.38 -40.31 -12.65
C GLU A 105 21.11 -39.48 -12.42
N PHE A 106 21.05 -38.79 -11.28
CA PHE A 106 19.83 -38.10 -10.87
C PHE A 106 20.07 -36.61 -10.71
N VAL A 107 19.07 -35.82 -11.10
CA VAL A 107 19.16 -34.36 -11.00
C VAL A 107 17.84 -33.83 -10.45
N PRO A 108 17.87 -32.67 -9.80
CA PRO A 108 16.62 -32.12 -9.29
C PRO A 108 15.74 -31.59 -10.42
N THR A 109 14.43 -31.72 -10.25
CA THR A 109 13.46 -31.11 -11.15
C THR A 109 13.27 -29.65 -10.77
N GLU A 110 12.38 -28.95 -11.46
N GLU A 110 12.39 -28.97 -11.48
CA GLU A 110 12.10 -27.57 -11.08
CA GLU A 110 12.01 -27.60 -11.16
C GLU A 110 11.55 -27.50 -9.66
C GLU A 110 11.49 -27.48 -9.73
N VAL A 111 10.80 -28.52 -9.27
CA VAL A 111 10.27 -28.56 -7.91
C VAL A 111 11.37 -28.93 -6.90
N GLY A 112 12.15 -29.95 -7.22
CA GLY A 112 13.23 -30.37 -6.35
C GLY A 112 14.31 -29.33 -6.09
N GLU A 113 14.53 -28.44 -7.05
CA GLU A 113 15.55 -27.42 -6.90
C GLU A 113 15.27 -26.51 -5.71
N LEU A 114 14.00 -26.46 -5.31
CA LEU A 114 13.62 -25.61 -4.19
C LEU A 114 14.14 -26.14 -2.85
N LEU A 115 14.71 -27.35 -2.86
CA LEU A 115 15.36 -27.87 -1.66
C LEU A 115 16.84 -27.50 -1.57
N ALA A 116 17.34 -26.74 -2.55
CA ALA A 116 18.70 -26.21 -2.45
C ALA A 116 18.77 -25.30 -1.23
N ASP A 117 19.86 -25.37 -0.47
CA ASP A 117 19.91 -24.70 0.84
C ASP A 117 19.76 -23.18 0.75
N ASP A 118 20.23 -22.57 -0.33
CA ASP A 118 20.20 -21.10 -0.42
C ASP A 118 19.04 -20.54 -1.25
N HIS A 119 18.10 -21.40 -1.63
CA HIS A 119 16.90 -20.91 -2.33
C HIS A 119 16.09 -20.02 -1.36
N PRO A 120 15.61 -18.86 -1.85
CA PRO A 120 15.02 -17.87 -0.94
C PRO A 120 13.81 -18.35 -0.16
N ALA A 121 13.12 -19.39 -0.62
CA ALA A 121 11.93 -19.83 0.11
C ALA A 121 12.30 -20.64 1.35
N ALA A 122 13.59 -20.96 1.49
CA ALA A 122 14.13 -21.64 2.66
C ALA A 122 13.44 -22.97 2.94
N GLN A 123 12.93 -23.61 1.89
CA GLN A 123 12.17 -24.83 2.12
C GLN A 123 13.03 -26.00 2.59
N ARG A 124 14.34 -25.99 2.32
CA ARG A 124 15.17 -27.07 2.91
C ARG A 124 15.15 -26.98 4.44
N ALA A 125 15.37 -25.78 4.97
CA ALA A 125 15.41 -25.60 6.41
C ALA A 125 14.05 -25.86 7.05
N TRP A 126 12.98 -25.42 6.40
CA TRP A 126 11.61 -25.64 6.89
C TRP A 126 11.25 -27.12 6.93
N HIS A 127 11.93 -27.94 6.14
CA HIS A 127 11.66 -29.38 6.13
C HIS A 127 12.76 -30.21 6.79
N ASP A 128 13.72 -29.54 7.41
CA ASP A 128 14.85 -30.22 8.05
C ASP A 128 14.43 -30.71 9.43
N LEU A 129 14.49 -32.03 9.61
CA LEU A 129 14.01 -32.70 10.82
C LEU A 129 14.83 -32.38 12.06
N THR A 130 16.00 -31.79 11.87
CA THR A 130 16.81 -31.37 13.01
C THR A 130 16.59 -29.90 13.35
N GLN A 131 15.82 -29.19 12.54
CA GLN A 131 15.48 -27.80 12.84
C GLN A 131 14.09 -27.73 13.47
N ALA A 132 13.73 -26.58 14.02
CA ALA A 132 12.67 -26.55 15.01
C ALA A 132 11.30 -26.95 14.50
N VAL A 133 10.95 -26.55 13.27
CA VAL A 133 9.56 -26.69 12.83
C VAL A 133 9.28 -28.12 12.36
N ALA A 134 10.12 -28.66 11.49
CA ALA A 134 9.87 -30.05 11.06
C ALA A 134 9.98 -31.00 12.25
N ARG A 135 10.86 -30.69 13.20
CA ARG A 135 10.92 -31.45 14.45
C ARG A 135 9.58 -31.36 15.19
N ALA A 136 9.07 -30.14 15.34
CA ALA A 136 7.78 -29.96 16.01
C ALA A 136 6.64 -30.66 15.26
N ASP A 137 6.71 -30.72 13.93
CA ASP A 137 5.66 -31.34 13.11
C ASP A 137 5.40 -32.82 13.47
N ILE A 138 6.36 -33.47 14.13
CA ILE A 138 6.13 -34.85 14.58
C ILE A 138 4.91 -34.90 15.53
N SER A 139 4.59 -33.76 16.15
CA SER A 139 3.38 -33.62 16.96
C SER A 139 2.09 -34.06 16.24
N PHE A 140 2.09 -33.96 14.91
CA PHE A 140 0.92 -34.32 14.13
C PHE A 140 0.61 -35.81 14.17
N THR A 141 1.58 -36.62 14.57
CA THR A 141 1.33 -38.07 14.68
C THR A 141 0.32 -38.37 15.78
N ARG A 142 0.06 -37.41 16.65
CA ARG A 142 -0.95 -37.59 17.69
C ARG A 142 -2.12 -36.63 17.51
N LEU A 143 -2.36 -36.25 16.25
CA LEU A 143 -3.45 -35.32 15.93
C LEU A 143 -4.81 -35.73 16.53
N PRO A 144 -5.17 -37.05 16.51
CA PRO A 144 -6.48 -37.36 17.12
C PRO A 144 -6.64 -36.89 18.57
N ASP A 145 -5.57 -36.96 19.35
CA ASP A 145 -5.60 -36.48 20.74
C ASP A 145 -5.86 -34.99 20.79
N ALA A 146 -5.28 -34.25 19.86
CA ALA A 146 -5.46 -32.80 19.83
C ALA A 146 -6.89 -32.43 19.39
N ILE A 147 -7.51 -33.22 18.52
CA ILE A 147 -8.89 -32.91 18.12
C ILE A 147 -9.85 -33.25 19.28
N ARG A 148 -9.54 -34.30 20.03
CA ARG A 148 -10.37 -34.65 21.19
C ARG A 148 -10.30 -33.61 22.31
N THR A 149 -9.08 -33.12 22.58
CA THR A 149 -8.83 -32.28 23.76
C THR A 149 -8.66 -30.80 23.47
N GLY A 150 -8.36 -30.46 22.23
CA GLY A 150 -8.03 -29.07 21.90
C GLY A 150 -6.69 -28.63 22.46
N ARG A 151 -5.89 -29.60 22.92
CA ARG A 151 -4.59 -29.32 23.57
C ARG A 151 -3.39 -29.86 22.77
N PRO A 152 -2.22 -29.22 22.91
CA PRO A 152 -1.05 -29.59 22.09
C PRO A 152 -0.50 -30.96 22.43
N THR A 153 0.16 -31.59 21.46
CA THR A 153 0.72 -32.94 21.64
C THR A 153 2.24 -32.91 21.69
N TYR A 154 2.81 -31.73 21.52
CA TYR A 154 4.27 -31.56 21.48
C TYR A 154 4.94 -32.09 22.74
N GLU A 155 4.42 -31.71 23.90
CA GLU A 155 5.01 -32.13 25.18
C GLU A 155 5.02 -33.65 25.30
N SER A 156 3.95 -34.29 24.82
CA SER A 156 3.85 -35.75 24.94
C SER A 156 4.95 -36.45 24.12
N ILE A 157 5.49 -35.74 23.14
CA ILE A 157 6.56 -36.31 22.31
C ILE A 157 7.94 -35.91 22.82
N TYR A 158 8.11 -34.64 23.15
CA TYR A 158 9.43 -34.10 23.48
C TYR A 158 9.68 -33.84 24.96
N GLY A 159 8.65 -33.97 25.80
CA GLY A 159 8.86 -33.91 27.23
C GLY A 159 8.64 -32.56 27.91
N LYS A 160 8.63 -31.49 27.12
CA LYS A 160 8.30 -30.15 27.63
C LYS A 160 7.41 -29.45 26.62
N PRO A 161 6.60 -28.48 27.09
CA PRO A 161 5.84 -27.68 26.14
C PRO A 161 6.78 -26.87 25.24
N PHE A 162 6.24 -26.43 24.12
CA PHE A 162 7.03 -25.86 23.03
C PHE A 162 8.07 -24.82 23.45
N TYR A 163 7.67 -23.73 24.10
CA TYR A 163 8.66 -22.70 24.38
C TYR A 163 9.61 -23.09 25.51
N GLU A 164 9.18 -23.96 26.41
CA GLU A 164 10.08 -24.47 27.44
C GLU A 164 11.14 -25.38 26.83
N ASP A 165 10.74 -26.15 25.82
CA ASP A 165 11.65 -27.02 25.09
C ASP A 165 12.69 -26.16 24.36
N LEU A 166 12.23 -25.10 23.68
CA LEU A 166 13.16 -24.17 23.02
C LEU A 166 14.09 -23.50 24.02
N ALA A 167 13.57 -23.20 25.22
CA ALA A 167 14.39 -22.59 26.26
C ALA A 167 15.52 -23.51 26.70
N GLY A 168 15.28 -24.81 26.67
CA GLY A 168 16.30 -25.77 27.08
C GLY A 168 17.18 -26.22 25.94
N ARG A 169 16.87 -25.78 24.73
CA ARG A 169 17.65 -26.13 23.53
C ARG A 169 17.94 -24.88 22.71
N PRO A 170 18.96 -24.11 23.11
CA PRO A 170 19.32 -22.86 22.42
C PRO A 170 19.56 -23.05 20.93
N ASP A 171 20.02 -24.23 20.50
CA ASP A 171 20.19 -24.48 19.08
C ASP A 171 18.84 -24.49 18.35
N LEU A 172 17.82 -25.08 18.98
CA LEU A 172 16.49 -25.12 18.39
C LEU A 172 15.83 -23.73 18.43
N ARG A 173 16.09 -23.01 19.52
CA ARG A 173 15.63 -21.62 19.64
C ARG A 173 16.13 -20.79 18.47
N ALA A 174 17.42 -20.94 18.15
CA ALA A 174 18.06 -20.19 17.07
C ALA A 174 17.50 -20.57 15.71
N SER A 175 17.26 -21.86 15.54
N SER A 175 17.23 -21.86 15.48
CA SER A 175 16.70 -22.35 14.29
CA SER A 175 16.71 -22.24 14.18
C SER A 175 15.30 -21.79 14.07
C SER A 175 15.26 -21.76 14.04
N PHE A 176 14.50 -21.79 15.13
CA PHE A 176 13.13 -21.25 15.11
C PHE A 176 13.10 -19.78 14.74
N ASP A 177 13.93 -19.00 15.43
CA ASP A 177 14.01 -17.56 15.19
C ASP A 177 14.39 -17.28 13.74
N SER A 178 15.31 -18.07 13.18
CA SER A 178 15.74 -17.86 11.80
C SER A 178 14.72 -18.27 10.75
N LEU A 179 13.98 -19.34 11.02
CA LEU A 179 12.94 -19.77 10.09
C LEU A 179 11.85 -18.71 9.94
N LEU A 180 11.34 -18.20 11.06
N LEU A 180 11.38 -18.19 11.06
CA LEU A 180 10.24 -17.25 11.01
CA LEU A 180 10.27 -17.24 11.04
C LEU A 180 10.60 -15.95 10.29
C LEU A 180 10.60 -15.97 10.27
N ALA A 181 11.88 -15.59 10.31
CA ALA A 181 12.34 -14.38 9.67
C ALA A 181 12.90 -14.61 8.26
N CYS A 182 12.64 -15.78 7.68
CA CYS A 182 13.25 -16.12 6.39
C CYS A 182 12.84 -15.16 5.26
N ASP A 183 11.68 -14.53 5.40
CA ASP A 183 11.20 -13.51 4.47
C ASP A 183 11.06 -12.17 5.19
N GLN A 184 12.10 -11.35 5.18
CA GLN A 184 12.06 -10.06 5.89
C GLN A 184 11.06 -9.05 5.32
N ASP A 185 10.71 -9.15 4.04
CA ASP A 185 9.80 -8.17 3.47
C ASP A 185 8.41 -8.42 4.05
N VAL A 186 8.09 -9.68 4.24
CA VAL A 186 6.77 -10.05 4.76
C VAL A 186 6.75 -9.87 6.27
N ALA A 187 7.84 -10.26 6.91
CA ALA A 187 7.86 -10.24 8.37
C ALA A 187 7.97 -8.84 8.95
N PHE A 188 8.80 -8.01 8.33
CA PHE A 188 9.14 -6.71 8.94
C PHE A 188 8.84 -5.47 8.11
N ASP A 189 9.25 -5.48 6.83
CA ASP A 189 9.19 -4.24 6.07
C ASP A 189 7.78 -3.85 5.64
N ALA A 190 7.00 -4.83 5.20
CA ALA A 190 5.65 -4.53 4.75
C ALA A 190 4.77 -3.97 5.88
N PRO A 191 4.74 -4.63 7.05
CA PRO A 191 3.86 -4.04 8.07
C PRO A 191 4.38 -2.70 8.59
N ALA A 192 5.70 -2.52 8.64
CA ALA A 192 6.25 -1.24 9.10
C ALA A 192 5.89 -0.10 8.15
N ALA A 193 5.86 -0.41 6.87
CA ALA A 193 5.56 0.58 5.84
C ALA A 193 4.07 0.90 5.77
N ALA A 194 3.25 0.06 6.37
CA ALA A 194 1.80 0.20 6.25
C ALA A 194 1.17 0.98 7.40
N TYR A 195 1.99 1.45 8.33
CA TYR A 195 1.48 2.22 9.46
C TYR A 195 2.12 3.60 9.55
N ASP A 196 1.34 4.59 9.96
CA ASP A 196 1.80 5.96 10.10
C ASP A 196 2.39 6.19 11.48
N TRP A 197 3.70 6.36 11.54
CA TRP A 197 4.42 6.47 12.81
C TRP A 197 4.58 7.90 13.30
N THR A 198 3.96 8.85 12.59
CA THR A 198 4.18 10.27 12.88
C THR A 198 3.87 10.67 14.33
N ASN A 199 2.76 10.15 14.86
CA ASN A 199 2.36 10.49 16.23
C ASN A 199 2.77 9.43 17.25
N VAL A 200 3.73 8.60 16.88
CA VAL A 200 4.25 7.58 17.79
C VAL A 200 5.63 7.99 18.30
N ARG A 201 5.79 8.04 19.61
CA ARG A 201 7.09 8.34 20.20
C ARG A 201 7.81 7.09 20.69
N HIS A 202 7.07 6.19 21.34
N HIS A 202 7.04 6.19 21.31
CA HIS A 202 7.70 4.95 21.77
CA HIS A 202 7.57 4.95 21.89
C HIS A 202 6.87 3.76 21.34
C HIS A 202 6.83 3.74 21.34
N VAL A 203 7.58 2.73 20.90
CA VAL A 203 6.99 1.47 20.47
C VAL A 203 7.44 0.36 21.39
N LEU A 204 6.52 -0.51 21.77
CA LEU A 204 6.86 -1.72 22.50
C LEU A 204 6.49 -2.93 21.65
N ASP A 205 7.50 -3.74 21.28
CA ASP A 205 7.26 -4.92 20.48
C ASP A 205 7.22 -6.15 21.38
N VAL A 206 6.02 -6.63 21.64
CA VAL A 206 5.79 -7.67 22.63
C VAL A 206 6.00 -9.04 21.99
N GLY A 207 6.98 -9.81 22.47
CA GLY A 207 7.30 -11.07 21.81
C GLY A 207 7.93 -10.78 20.46
N GLY A 208 8.83 -9.80 20.44
CA GLY A 208 9.37 -9.25 19.20
C GLY A 208 10.49 -10.02 18.50
N GLY A 209 10.73 -11.25 18.89
CA GLY A 209 11.73 -12.06 18.20
C GLY A 209 13.12 -11.43 18.22
N LYS A 210 13.83 -11.47 17.09
CA LYS A 210 15.17 -10.89 17.03
C LYS A 210 15.16 -9.36 16.91
N GLY A 211 13.98 -8.76 16.94
CA GLY A 211 13.88 -7.30 16.84
C GLY A 211 13.76 -6.79 15.42
N GLY A 212 13.47 -7.68 14.47
CA GLY A 212 13.36 -7.26 13.08
C GLY A 212 12.26 -6.24 12.82
N PHE A 213 11.11 -6.41 13.47
CA PHE A 213 9.98 -5.51 13.27
C PHE A 213 10.33 -4.14 13.86
N ALA A 214 10.84 -4.15 15.09
CA ALA A 214 11.24 -2.90 15.75
C ALA A 214 12.30 -2.18 14.92
N ALA A 215 13.22 -2.94 14.34
CA ALA A 215 14.28 -2.35 13.52
C ALA A 215 13.71 -1.69 12.27
N ALA A 216 12.79 -2.37 11.59
CA ALA A 216 12.17 -1.82 10.39
C ALA A 216 11.42 -0.52 10.69
N ILE A 217 10.74 -0.46 11.84
CA ILE A 217 10.07 0.77 12.26
C ILE A 217 11.08 1.88 12.52
N ALA A 218 12.14 1.54 13.24
CA ALA A 218 13.17 2.52 13.56
C ALA A 218 13.78 3.18 12.32
N ARG A 219 14.00 2.38 11.28
N ARG A 219 13.99 2.40 11.26
CA ARG A 219 14.57 2.90 10.03
CA ARG A 219 14.60 2.95 10.05
C ARG A 219 13.64 3.88 9.35
C ARG A 219 13.64 3.90 9.35
N ARG A 220 12.35 3.57 9.39
CA ARG A 220 11.32 4.37 8.74
C ARG A 220 10.88 5.57 9.55
N ALA A 221 11.09 5.49 10.86
CA ALA A 221 10.63 6.52 11.77
C ALA A 221 11.75 6.87 12.75
N PRO A 222 12.71 7.69 12.31
CA PRO A 222 13.93 8.04 13.04
C PRO A 222 13.66 8.64 14.43
N HIS A 223 12.47 9.21 14.63
CA HIS A 223 12.12 9.83 15.92
C HIS A 223 11.64 8.82 16.95
N VAL A 224 11.35 7.61 16.52
CA VAL A 224 10.79 6.61 17.42
C VAL A 224 11.88 5.95 18.27
N SER A 225 11.58 5.69 19.53
CA SER A 225 12.40 4.76 20.29
C SER A 225 11.58 3.51 20.51
N ALA A 226 12.23 2.35 20.55
CA ALA A 226 11.51 1.11 20.63
C ALA A 226 12.10 0.20 21.68
N THR A 227 11.25 -0.67 22.21
CA THR A 227 11.67 -1.68 23.16
C THR A 227 11.16 -3.04 22.71
N VAL A 228 12.05 -4.04 22.67
CA VAL A 228 11.66 -5.40 22.35
C VAL A 228 11.56 -6.19 23.66
N LEU A 229 10.39 -6.78 23.91
CA LEU A 229 10.22 -7.66 25.08
C LEU A 229 10.29 -9.11 24.62
N GLU A 230 11.24 -9.88 25.16
CA GLU A 230 11.37 -11.27 24.69
C GLU A 230 11.83 -12.22 25.79
N MET A 231 11.94 -13.50 25.43
CA MET A 231 12.39 -14.55 26.34
C MET A 231 13.92 -14.63 26.36
N ALA A 232 14.46 -15.30 27.37
CA ALA A 232 15.90 -15.56 27.45
C ALA A 232 16.41 -16.23 26.17
N GLY A 233 17.65 -15.95 25.81
CA GLY A 233 18.23 -16.54 24.62
C GLY A 233 17.94 -15.71 23.39
N THR A 234 16.65 -15.51 23.14
CA THR A 234 16.21 -14.67 22.03
C THR A 234 16.68 -13.21 22.24
N VAL A 235 16.70 -12.76 23.49
CA VAL A 235 17.12 -11.39 23.79
C VAL A 235 18.57 -11.13 23.37
N ASP A 236 19.42 -12.16 23.45
CA ASP A 236 20.83 -11.98 23.09
C ASP A 236 20.95 -11.89 21.57
N THR A 237 20.18 -12.72 20.87
CA THR A 237 20.14 -12.67 19.41
C THR A 237 19.63 -11.32 18.94
N ALA A 238 18.60 -10.83 19.64
CA ALA A 238 18.00 -9.54 19.34
C ALA A 238 19.00 -8.41 19.53
N ARG A 239 19.63 -8.37 20.70
CA ARG A 239 20.62 -7.34 20.98
C ARG A 239 21.76 -7.36 19.96
N SER A 240 22.24 -8.56 19.64
CA SER A 240 23.32 -8.72 18.71
C SER A 240 22.93 -8.24 17.31
N TYR A 241 21.71 -8.58 16.91
CA TYR A 241 21.18 -8.13 15.62
C TYR A 241 21.08 -6.61 15.59
N LEU A 242 20.51 -6.02 16.64
CA LEU A 242 20.33 -4.58 16.67
C LEU A 242 21.68 -3.88 16.75
N LYS A 243 22.64 -4.50 17.41
CA LYS A 243 23.98 -3.94 17.48
C LYS A 243 24.60 -3.91 16.10
N ASP A 244 24.44 -5.03 15.39
CA ASP A 244 24.93 -5.14 14.01
C ASP A 244 24.29 -4.09 13.13
N GLU A 245 23.04 -3.76 13.44
CA GLU A 245 22.31 -2.78 12.64
C GLU A 245 22.61 -1.34 13.04
N GLY A 246 23.38 -1.15 14.11
CA GLY A 246 23.66 0.18 14.61
C GLY A 246 22.43 0.85 15.19
N LEU A 247 21.57 0.06 15.82
CA LEU A 247 20.33 0.57 16.38
C LEU A 247 20.24 0.44 17.90
N SER A 248 21.34 0.10 18.54
CA SER A 248 21.33 -0.13 19.99
C SER A 248 20.86 1.08 20.79
N ASP A 249 21.11 2.27 20.25
CA ASP A 249 20.77 3.52 20.91
C ASP A 249 19.30 3.88 20.76
N ARG A 250 18.60 3.20 19.86
N ARG A 250 18.62 3.21 19.84
CA ARG A 250 17.20 3.52 19.59
CA ARG A 250 17.22 3.49 19.53
C ARG A 250 16.26 2.36 19.90
C ARG A 250 16.29 2.36 19.94
N VAL A 251 16.78 1.13 19.83
CA VAL A 251 15.99 -0.05 20.14
C VAL A 251 16.65 -0.84 21.25
N ASP A 252 16.01 -0.93 22.41
CA ASP A 252 16.59 -1.72 23.49
C ASP A 252 15.81 -3.02 23.62
N VAL A 253 16.40 -3.96 24.35
CA VAL A 253 15.81 -5.28 24.49
C VAL A 253 15.68 -5.61 25.97
N VAL A 254 14.48 -6.05 26.35
CA VAL A 254 14.19 -6.40 27.74
C VAL A 254 13.79 -7.87 27.81
N GLU A 255 14.42 -8.60 28.72
CA GLU A 255 13.99 -9.98 28.97
C GLU A 255 12.78 -9.93 29.89
N GLY A 256 11.72 -10.65 29.55
CA GLY A 256 10.52 -10.60 30.36
C GLY A 256 9.40 -11.54 29.93
N ASP A 257 8.28 -11.44 30.62
CA ASP A 257 7.16 -12.34 30.41
C ASP A 257 5.91 -11.50 30.13
N PHE A 258 5.32 -11.64 28.95
CA PHE A 258 4.25 -10.72 28.60
C PHE A 258 2.90 -11.06 29.27
N PHE A 259 2.88 -12.08 30.13
CA PHE A 259 1.73 -12.28 31.01
C PHE A 259 1.80 -11.41 32.27
N GLU A 260 2.98 -10.89 32.55
CA GLU A 260 3.16 -9.97 33.69
C GLU A 260 2.98 -8.53 33.20
N PRO A 261 2.87 -7.56 34.13
CA PRO A 261 2.80 -6.16 33.69
C PRO A 261 3.93 -5.81 32.71
N LEU A 262 3.59 -5.09 31.65
CA LEU A 262 4.59 -4.79 30.65
C LEU A 262 5.57 -3.75 31.20
N PRO A 263 6.85 -3.83 30.78
CA PRO A 263 7.94 -3.07 31.41
C PRO A 263 7.81 -1.55 31.25
N ARG A 264 7.00 -1.09 30.31
CA ARG A 264 6.77 0.34 30.16
C ARG A 264 5.53 0.60 29.33
N LYS A 265 5.15 1.87 29.24
CA LYS A 265 4.03 2.26 28.39
C LYS A 265 4.51 2.62 26.99
N ALA A 266 3.57 2.64 26.04
CA ALA A 266 3.92 2.90 24.64
C ALA A 266 2.75 3.47 23.85
N ASP A 267 3.06 4.18 22.78
CA ASP A 267 2.06 4.73 21.85
C ASP A 267 1.59 3.69 20.86
N ALA A 268 2.47 2.74 20.56
CA ALA A 268 2.13 1.64 19.69
C ALA A 268 2.69 0.37 20.29
N ILE A 269 1.84 -0.63 20.42
CA ILE A 269 2.28 -1.91 20.96
C ILE A 269 2.08 -2.95 19.90
N ILE A 270 3.16 -3.67 19.56
CA ILE A 270 3.13 -4.64 18.46
C ILE A 270 2.95 -6.07 18.95
N LEU A 271 1.99 -6.79 18.37
CA LEU A 271 1.85 -8.22 18.58
C LEU A 271 1.94 -8.88 17.21
N SER A 272 3.14 -9.20 16.78
CA SER A 272 3.34 -9.78 15.47
C SER A 272 3.54 -11.28 15.61
N PHE A 273 2.55 -12.04 15.13
CA PHE A 273 2.54 -13.49 15.21
C PHE A 273 2.83 -13.95 16.64
N VAL A 274 2.10 -13.37 17.57
CA VAL A 274 2.16 -13.76 18.97
C VAL A 274 0.86 -14.42 19.41
N LEU A 275 -0.27 -13.75 19.19
CA LEU A 275 -1.53 -14.22 19.75
C LEU A 275 -1.93 -15.61 19.22
N LEU A 276 -1.56 -15.94 18.00
CA LEU A 276 -1.89 -17.27 17.46
C LEU A 276 -1.25 -18.42 18.24
N ASN A 277 -0.22 -18.12 19.04
CA ASN A 277 0.45 -19.14 19.86
C ASN A 277 -0.40 -19.54 21.08
N TRP A 278 -1.52 -18.86 21.29
CA TRP A 278 -2.25 -18.93 22.56
C TRP A 278 -3.75 -19.17 22.37
N PRO A 279 -4.33 -20.00 23.25
CA PRO A 279 -5.79 -20.20 23.26
C PRO A 279 -6.48 -18.92 23.68
N ASP A 280 -7.79 -18.83 23.46
CA ASP A 280 -8.51 -17.58 23.71
C ASP A 280 -8.28 -16.92 25.08
N HIS A 281 -8.28 -17.69 26.16
N HIS A 281 -8.30 -17.69 26.17
CA HIS A 281 -8.17 -17.07 27.49
CA HIS A 281 -8.13 -17.11 27.52
C HIS A 281 -6.79 -16.46 27.73
C HIS A 281 -6.79 -16.40 27.64
N ASP A 282 -5.75 -17.07 27.17
CA ASP A 282 -4.39 -16.54 27.24
C ASP A 282 -4.22 -15.35 26.31
N ALA A 283 -4.80 -15.44 25.11
CA ALA A 283 -4.73 -14.32 24.16
C ALA A 283 -5.37 -13.04 24.74
N VAL A 284 -6.47 -13.22 25.46
CA VAL A 284 -7.13 -12.10 26.12
C VAL A 284 -6.25 -11.50 27.22
N ARG A 285 -5.58 -12.36 27.98
N ARG A 285 -5.57 -12.36 27.99
CA ARG A 285 -4.65 -11.91 29.02
CA ARG A 285 -4.65 -11.88 29.02
C ARG A 285 -3.54 -11.03 28.43
C ARG A 285 -3.53 -11.02 28.43
N ILE A 286 -2.96 -11.48 27.32
CA ILE A 286 -1.91 -10.73 26.64
C ILE A 286 -2.47 -9.41 26.12
N LEU A 287 -3.61 -9.46 25.45
CA LEU A 287 -4.20 -8.22 24.93
C LEU A 287 -4.51 -7.23 26.05
N THR A 288 -4.94 -7.76 27.19
CA THR A 288 -5.25 -6.92 28.34
C THR A 288 -3.99 -6.25 28.92
N ARG A 289 -2.91 -7.01 29.04
CA ARG A 289 -1.62 -6.43 29.43
C ARG A 289 -1.22 -5.31 28.48
N CYS A 290 -1.45 -5.50 27.19
CA CYS A 290 -1.10 -4.46 26.21
C CYS A 290 -2.00 -3.24 26.39
N ALA A 291 -3.30 -3.48 26.56
CA ALA A 291 -4.24 -2.38 26.79
C ALA A 291 -3.83 -1.56 28.01
N GLU A 292 -3.39 -2.25 29.06
CA GLU A 292 -2.99 -1.59 30.30
C GLU A 292 -1.72 -0.78 30.15
N ALA A 293 -0.97 -1.03 29.07
CA ALA A 293 0.30 -0.32 28.85
C ALA A 293 0.23 0.76 27.78
N LEU A 294 -0.95 1.01 27.23
CA LEU A 294 -1.11 2.01 26.18
C LEU A 294 -1.11 3.42 26.73
N GLU A 295 -0.33 4.28 26.10
CA GLU A 295 -0.41 5.72 26.33
C GLU A 295 -1.75 6.23 25.85
N PRO A 296 -2.16 7.42 26.31
CA PRO A 296 -3.37 8.00 25.72
C PRO A 296 -3.25 8.11 24.21
N GLY A 297 -4.29 7.69 23.48
CA GLY A 297 -4.28 7.75 22.03
C GLY A 297 -3.51 6.59 21.40
N GLY A 298 -2.95 5.72 22.22
CA GLY A 298 -2.15 4.61 21.70
C GLY A 298 -2.96 3.54 20.97
N ARG A 299 -2.27 2.70 20.20
CA ARG A 299 -2.93 1.63 19.46
C ARG A 299 -2.15 0.34 19.63
N ILE A 300 -2.87 -0.77 19.57
CA ILE A 300 -2.26 -2.09 19.53
C ILE A 300 -2.30 -2.60 18.10
N LEU A 301 -1.16 -3.05 17.59
CA LEU A 301 -1.06 -3.49 16.21
C LEU A 301 -0.85 -4.99 16.16
N ILE A 302 -1.78 -5.71 15.56
CA ILE A 302 -1.68 -7.18 15.45
C ILE A 302 -1.34 -7.55 14.02
N HIS A 303 -0.26 -8.28 13.86
CA HIS A 303 0.21 -8.70 12.55
C HIS A 303 -0.02 -10.20 12.46
N GLU A 304 -1.04 -10.60 11.73
CA GLU A 304 -1.42 -12.01 11.60
C GLU A 304 -2.34 -12.24 10.41
N ARG A 305 -2.68 -13.50 10.14
CA ARG A 305 -3.75 -13.75 9.18
C ARG A 305 -5.10 -13.35 9.80
N ASP A 306 -6.06 -12.99 8.95
CA ASP A 306 -7.38 -12.65 9.46
C ASP A 306 -8.45 -13.03 8.44
N ASP A 307 -8.37 -14.24 7.90
CA ASP A 307 -9.32 -14.65 6.87
C ASP A 307 -10.74 -14.56 7.40
N LEU A 308 -11.68 -14.06 6.60
CA LEU A 308 -13.10 -14.32 6.88
C LEU A 308 -13.28 -15.81 7.02
N HIS A 309 -14.18 -16.26 7.90
CA HIS A 309 -14.38 -17.70 8.03
C HIS A 309 -14.67 -18.38 6.67
N GLU A 310 -15.56 -17.77 5.87
CA GLU A 310 -15.92 -18.38 4.59
C GLU A 310 -14.73 -18.39 3.62
N ASN A 311 -13.72 -17.58 3.90
CA ASN A 311 -12.52 -17.58 3.05
C ASN A 311 -11.37 -18.38 3.64
N SER A 312 -11.61 -19.06 4.77
CA SER A 312 -10.50 -19.67 5.53
C SER A 312 -10.24 -21.12 5.17
N PHE A 313 -11.07 -21.69 4.30
CA PHE A 313 -10.92 -23.10 3.94
C PHE A 313 -9.87 -23.24 2.86
N ASN A 314 -8.63 -22.87 3.19
CA ASN A 314 -7.53 -22.88 2.24
C ASN A 314 -6.31 -23.43 2.93
N GLU A 315 -5.35 -23.94 2.17
N GLU A 315 -5.35 -23.96 2.17
CA GLU A 315 -4.22 -24.66 2.75
CA GLU A 315 -4.22 -24.67 2.75
C GLU A 315 -3.25 -23.79 3.54
C GLU A 315 -3.23 -23.78 3.51
N GLN A 316 -3.17 -22.50 3.22
CA GLN A 316 -2.29 -21.61 3.97
C GLN A 316 -2.81 -21.42 5.40
N PHE A 317 -4.09 -21.12 5.51
CA PHE A 317 -4.73 -20.97 6.81
C PHE A 317 -4.63 -22.26 7.60
N THR A 318 -4.97 -23.40 6.99
CA THR A 318 -5.07 -24.62 7.79
C THR A 318 -3.72 -25.14 8.24
N GLU A 319 -2.68 -24.98 7.43
CA GLU A 319 -1.36 -25.43 7.85
C GLU A 319 -0.92 -24.73 9.11
N LEU A 320 -1.03 -23.41 9.12
CA LEU A 320 -0.58 -22.66 10.28
C LEU A 320 -1.50 -22.90 11.47
N ASP A 321 -2.81 -22.92 11.20
CA ASP A 321 -3.76 -23.13 12.28
C ASP A 321 -3.59 -24.48 12.96
N LEU A 322 -3.40 -25.53 12.15
CA LEU A 322 -3.24 -26.85 12.74
C LEU A 322 -1.88 -27.01 13.42
N ARG A 323 -0.84 -26.37 12.90
CA ARG A 323 0.43 -26.34 13.63
C ARG A 323 0.25 -25.67 14.99
N MET A 324 -0.49 -24.57 15.02
CA MET A 324 -0.70 -23.91 16.33
C MET A 324 -1.43 -24.84 17.29
N LEU A 325 -2.39 -25.62 16.79
CA LEU A 325 -3.10 -26.56 17.65
C LEU A 325 -2.14 -27.58 18.27
N VAL A 326 -1.40 -28.30 17.44
CA VAL A 326 -0.61 -29.42 18.00
C VAL A 326 0.70 -28.96 18.64
N PHE A 327 1.28 -27.84 18.20
CA PHE A 327 2.51 -27.33 18.84
C PHE A 327 2.18 -26.71 20.19
N LEU A 328 1.08 -25.96 20.25
CA LEU A 328 0.90 -24.97 21.33
C LEU A 328 -0.50 -24.88 21.91
N GLY A 329 -1.49 -25.45 21.24
CA GLY A 329 -2.87 -25.23 21.66
C GLY A 329 -3.35 -23.82 21.31
N GLY A 330 -2.62 -23.16 20.41
CA GLY A 330 -3.01 -21.83 19.91
C GLY A 330 -3.99 -22.01 18.76
N ALA A 331 -4.19 -20.94 17.99
CA ALA A 331 -5.19 -20.94 16.92
C ALA A 331 -5.06 -19.71 16.05
N LEU A 332 -5.27 -19.86 14.76
CA LEU A 332 -5.54 -18.68 13.92
C LEU A 332 -6.93 -18.19 14.20
N ARG A 333 -7.13 -16.89 14.10
CA ARG A 333 -8.45 -16.32 14.31
C ARG A 333 -9.01 -15.73 13.02
N THR A 334 -10.21 -16.15 12.66
CA THR A 334 -10.88 -15.58 11.50
C THR A 334 -11.34 -14.16 11.83
N ARG A 335 -11.72 -13.41 10.80
CA ARG A 335 -12.05 -12.01 10.98
C ARG A 335 -13.11 -11.83 12.05
N GLU A 336 -14.09 -12.73 12.08
CA GLU A 336 -15.20 -12.57 13.00
C GLU A 336 -14.73 -12.86 14.43
N LYS A 337 -13.70 -13.68 14.61
CA LYS A 337 -13.20 -13.97 15.96
C LYS A 337 -12.45 -12.77 16.51
N TRP A 338 -11.73 -12.07 15.62
CA TRP A 338 -10.94 -10.92 16.06
C TRP A 338 -11.85 -9.88 16.66
N ASP A 339 -13.01 -9.71 16.05
CA ASP A 339 -14.00 -8.78 16.54
C ASP A 339 -14.38 -9.14 17.97
N GLY A 340 -14.55 -10.44 18.22
CA GLY A 340 -14.91 -10.92 19.54
C GLY A 340 -13.81 -10.85 20.59
N LEU A 341 -12.59 -11.20 20.20
CA LEU A 341 -11.45 -11.15 21.10
C LEU A 341 -11.14 -9.74 21.60
N ALA A 342 -11.19 -8.78 20.67
CA ALA A 342 -10.92 -7.40 21.03
C ALA A 342 -11.87 -6.94 22.12
N ALA A 343 -13.16 -7.22 21.94
CA ALA A 343 -14.18 -6.82 22.92
C ALA A 343 -13.84 -7.31 24.33
N SER A 344 -13.41 -8.56 24.43
CA SER A 344 -13.10 -9.19 25.72
C SER A 344 -11.91 -8.55 26.43
N ALA A 345 -11.05 -7.87 25.69
CA ALA A 345 -9.86 -7.27 26.29
C ALA A 345 -10.09 -5.79 26.57
N GLY A 346 -11.31 -5.34 26.37
CA GLY A 346 -11.65 -3.95 26.57
C GLY A 346 -11.19 -3.11 25.40
N LEU A 347 -11.14 -3.74 24.24
CA LEU A 347 -10.64 -3.08 23.04
C LEU A 347 -11.67 -3.10 21.94
N VAL A 348 -11.41 -2.30 20.92
CA VAL A 348 -12.25 -2.25 19.75
C VAL A 348 -11.35 -2.29 18.53
N VAL A 349 -11.79 -2.98 17.47
CA VAL A 349 -11.03 -2.97 16.23
C VAL A 349 -11.28 -1.66 15.50
N GLU A 350 -10.27 -0.79 15.50
CA GLU A 350 -10.41 0.48 14.81
C GLU A 350 -10.39 0.27 13.31
N GLU A 351 -9.53 -0.64 12.90
CA GLU A 351 -9.25 -0.79 11.47
C GLU A 351 -8.52 -2.09 11.22
N VAL A 352 -8.77 -2.68 10.06
CA VAL A 352 -8.00 -3.84 9.62
C VAL A 352 -7.37 -3.49 8.30
N ARG A 353 -6.05 -3.37 8.29
CA ARG A 353 -5.35 -3.00 7.07
C ARG A 353 -4.86 -4.23 6.35
N GLN A 354 -5.42 -4.45 5.17
CA GLN A 354 -4.97 -5.55 4.33
C GLN A 354 -3.59 -5.17 3.82
N LEU A 355 -2.61 -6.02 4.09
CA LEU A 355 -1.24 -5.71 3.73
C LEU A 355 -0.99 -6.16 2.31
N PRO A 356 -0.09 -5.45 1.59
CA PRO A 356 0.32 -5.93 0.28
C PRO A 356 1.12 -7.24 0.41
N SER A 357 1.14 -8.06 -0.63
CA SER A 357 2.01 -9.23 -0.67
C SER A 357 3.18 -8.93 -1.58
N PRO A 358 4.30 -8.47 -1.01
CA PRO A 358 5.47 -8.06 -1.79
C PRO A 358 6.21 -9.25 -2.40
N THR A 359 5.96 -10.45 -1.88
CA THR A 359 6.65 -11.65 -2.36
C THR A 359 5.63 -12.68 -2.86
N ILE A 360 5.42 -13.73 -2.07
CA ILE A 360 4.42 -14.76 -2.41
C ILE A 360 3.02 -14.29 -2.06
N PRO A 361 2.00 -14.84 -2.75
CA PRO A 361 0.62 -14.48 -2.38
C PRO A 361 0.23 -15.14 -1.07
N TYR A 362 0.34 -14.37 0.00
CA TYR A 362 0.09 -14.84 1.34
C TYR A 362 -0.61 -13.71 2.08
N ASP A 363 -1.93 -13.82 2.24
CA ASP A 363 -2.73 -12.70 2.73
C ASP A 363 -2.49 -12.45 4.22
N LEU A 364 -1.99 -11.26 4.54
CA LEU A 364 -1.74 -10.87 5.92
C LEU A 364 -2.36 -9.53 6.20
N SER A 365 -2.61 -9.26 7.46
CA SER A 365 -3.22 -7.99 7.81
C SER A 365 -2.52 -7.37 8.98
N LEU A 366 -2.80 -6.09 9.17
CA LEU A 366 -2.39 -5.40 10.36
C LEU A 366 -3.68 -4.92 11.00
N LEU A 367 -4.05 -5.53 12.11
CA LEU A 367 -5.25 -5.10 12.82
C LEU A 367 -4.87 -4.02 13.79
N VAL A 368 -5.63 -2.93 13.80
CA VAL A 368 -5.35 -1.82 14.69
C VAL A 368 -6.43 -1.74 15.77
N LEU A 369 -6.02 -1.95 17.01
CA LEU A 369 -6.98 -1.98 18.10
C LEU A 369 -6.82 -0.76 19.00
N ALA A 370 -7.96 -0.24 19.46
CA ALA A 370 -8.02 0.92 20.34
C ALA A 370 -8.82 0.58 21.60
N PRO A 371 -8.62 1.36 22.68
CA PRO A 371 -9.46 1.15 23.87
C PRO A 371 -10.94 1.32 23.54
N ALA A 372 -11.78 0.45 24.10
CA ALA A 372 -13.23 0.50 23.86
C ALA A 372 -13.89 1.61 24.66
N GLN B 33 -4.70 34.45 -9.83
CA GLN B 33 -3.69 35.44 -10.19
C GLN B 33 -2.47 35.31 -9.29
N ILE B 34 -2.62 35.67 -8.02
CA ILE B 34 -1.52 35.56 -7.07
C ILE B 34 -1.17 34.09 -6.82
N ASP B 35 -2.18 33.22 -6.86
CA ASP B 35 -1.97 31.79 -6.69
C ASP B 35 -1.09 31.25 -7.82
N ALA B 36 -1.41 31.65 -9.05
CA ALA B 36 -0.65 31.21 -10.21
C ALA B 36 0.79 31.68 -10.12
N LEU B 37 0.96 32.92 -9.67
CA LEU B 37 2.28 33.50 -9.53
C LEU B 37 3.10 32.70 -8.52
N ARG B 38 2.52 32.39 -7.36
CA ARG B 38 3.26 31.64 -6.35
C ARG B 38 3.62 30.24 -6.85
N THR B 39 2.70 29.61 -7.56
CA THR B 39 2.94 28.27 -8.10
C THR B 39 4.13 28.27 -9.05
N LEU B 40 4.17 29.26 -9.95
CA LEU B 40 5.26 29.36 -10.91
C LEU B 40 6.60 29.63 -10.21
N ILE B 41 6.59 30.57 -9.27
CA ILE B 41 7.81 30.92 -8.55
C ILE B 41 8.36 29.71 -7.79
N ARG B 42 7.48 28.96 -7.13
CA ARG B 42 7.91 27.74 -6.46
C ARG B 42 8.51 26.73 -7.44
N LEU B 43 7.82 26.48 -8.54
CA LEU B 43 8.34 25.54 -9.54
C LEU B 43 9.68 26.00 -10.10
N GLY B 44 9.84 27.31 -10.26
CA GLY B 44 11.04 27.84 -10.89
C GLY B 44 12.19 28.10 -9.94
N SER B 45 11.98 27.80 -8.66
N SER B 45 11.99 27.84 -8.66
CA SER B 45 12.95 28.11 -7.62
CA SER B 45 12.98 28.21 -7.64
C SER B 45 14.19 27.21 -7.67
C SER B 45 14.18 27.26 -7.62
N LEU B 46 15.37 27.82 -7.85
CA LEU B 46 16.59 27.01 -7.83
C LEU B 46 17.18 26.90 -6.42
N HIS B 47 16.92 27.87 -5.55
CA HIS B 47 17.50 27.78 -4.21
C HIS B 47 16.88 26.64 -3.40
N THR B 48 15.60 26.34 -3.62
CA THR B 48 14.94 25.34 -2.79
C THR B 48 15.60 23.94 -2.95
N PRO B 49 15.79 23.44 -4.20
CA PRO B 49 16.47 22.13 -4.25
C PRO B 49 17.91 22.17 -3.76
N MET B 50 18.61 23.27 -3.95
CA MET B 50 19.98 23.36 -3.46
C MET B 50 20.00 23.42 -1.94
N VAL B 51 18.98 24.01 -1.34
CA VAL B 51 18.87 24.01 0.12
C VAL B 51 18.66 22.58 0.65
N VAL B 52 17.78 21.83 -0.01
CA VAL B 52 17.55 20.44 0.36
C VAL B 52 18.85 19.64 0.22
N ARG B 53 19.53 19.81 -0.92
CA ARG B 53 20.75 19.04 -1.18
C ARG B 53 21.89 19.45 -0.25
N THR B 54 21.95 20.73 0.08
CA THR B 54 22.95 21.18 1.05
C THR B 54 22.68 20.58 2.42
N ALA B 55 21.41 20.57 2.84
CA ALA B 55 21.04 19.92 4.11
C ALA B 55 21.42 18.44 4.12
N ALA B 56 21.18 17.76 3.01
CA ALA B 56 21.51 16.33 2.88
C ALA B 56 23.01 16.13 3.01
N THR B 57 23.76 16.96 2.30
CA THR B 57 25.21 16.88 2.26
C THR B 57 25.82 17.15 3.64
N LEU B 58 25.25 18.11 4.37
CA LEU B 58 25.72 18.43 5.72
C LEU B 58 25.24 17.44 6.78
N ARG B 59 24.43 16.46 6.37
CA ARG B 59 23.85 15.47 7.29
C ARG B 59 23.11 16.15 8.45
N LEU B 60 22.47 17.28 8.13
CA LEU B 60 21.81 18.11 9.15
C LEU B 60 20.78 17.36 9.96
N VAL B 61 19.92 16.60 9.28
CA VAL B 61 18.86 15.88 10.00
C VAL B 61 19.45 14.81 10.93
N ASP B 62 20.49 14.11 10.47
CA ASP B 62 21.19 13.17 11.36
C ASP B 62 21.71 13.87 12.61
N HIS B 63 22.33 15.03 12.43
CA HIS B 63 22.91 15.73 13.57
C HIS B 63 21.83 16.20 14.53
N ILE B 64 20.69 16.63 14.00
CA ILE B 64 19.56 17.02 14.82
C ILE B 64 19.05 15.83 15.64
N LEU B 65 18.87 14.69 14.96
CA LEU B 65 18.40 13.48 15.63
C LEU B 65 19.37 13.03 16.73
N ALA B 66 20.64 13.34 16.55
CA ALA B 66 21.66 12.96 17.54
C ALA B 66 21.73 13.93 18.72
N GLY B 67 20.94 15.01 18.66
CA GLY B 67 20.82 15.89 19.81
C GLY B 67 21.14 17.36 19.57
N ALA B 68 21.68 17.68 18.41
CA ALA B 68 22.02 19.07 18.11
C ALA B 68 20.84 19.81 17.50
N ARG B 69 20.04 20.47 18.34
CA ARG B 69 18.80 21.08 17.88
C ARG B 69 18.92 22.58 17.66
N THR B 70 19.97 23.19 18.22
CA THR B 70 20.17 24.64 18.06
C THR B 70 21.07 24.94 16.87
N VAL B 71 20.95 26.16 16.34
CA VAL B 71 21.83 26.60 15.28
C VAL B 71 23.29 26.53 15.73
N LYS B 72 23.55 26.97 16.96
CA LYS B 72 24.91 27.00 17.46
C LYS B 72 25.51 25.60 17.59
N ALA B 73 24.72 24.64 18.07
CA ALA B 73 25.18 23.26 18.15
C ALA B 73 25.39 22.65 16.78
N LEU B 74 24.47 22.93 15.86
CA LEU B 74 24.56 22.36 14.52
C LEU B 74 25.73 22.96 13.73
N ALA B 75 25.98 24.25 13.93
CA ALA B 75 27.10 24.91 13.24
C ALA B 75 28.42 24.31 13.71
N ALA B 76 28.52 24.03 15.00
CA ALA B 76 29.73 23.42 15.55
C ALA B 76 29.92 22.02 14.99
N ARG B 77 28.83 21.26 14.89
CA ARG B 77 28.92 19.88 14.41
C ARG B 77 29.22 19.80 12.92
N THR B 78 28.85 20.84 12.18
CA THR B 78 29.03 20.83 10.73
C THR B 78 30.16 21.74 10.27
N ASP B 79 30.83 22.38 11.23
CA ASP B 79 31.82 23.39 10.93
C ASP B 79 31.33 24.41 9.89
N THR B 80 30.13 24.95 10.13
CA THR B 80 29.57 25.99 9.29
C THR B 80 29.46 27.29 10.07
N ARG B 81 29.26 28.39 9.37
CA ARG B 81 29.08 29.68 10.04
C ARG B 81 27.66 29.79 10.59
N PRO B 82 27.53 30.06 11.90
CA PRO B 82 26.21 30.09 12.53
C PRO B 82 25.18 30.98 11.82
N GLU B 83 25.53 32.21 11.45
CA GLU B 83 24.52 33.09 10.83
C GLU B 83 24.05 32.54 9.48
N ALA B 84 24.95 31.93 8.71
CA ALA B 84 24.58 31.37 7.42
C ALA B 84 23.75 30.08 7.58
N LEU B 85 24.11 29.26 8.57
CA LEU B 85 23.35 28.03 8.81
C LEU B 85 21.93 28.37 9.25
N LEU B 86 21.77 29.39 10.07
CA LEU B 86 20.43 29.84 10.45
C LEU B 86 19.60 30.16 9.22
N ARG B 87 20.24 30.81 8.25
CA ARG B 87 19.52 31.23 7.06
C ARG B 87 19.14 30.04 6.19
N LEU B 88 19.97 29.00 6.20
CA LEU B 88 19.61 27.74 5.53
C LEU B 88 18.42 27.08 6.24
N ILE B 89 18.52 27.00 7.56
CA ILE B 89 17.49 26.40 8.39
C ILE B 89 16.16 27.14 8.23
N ARG B 90 16.23 28.46 8.10
CA ARG B 90 15.02 29.24 7.92
C ARG B 90 14.25 28.75 6.68
N HIS B 91 14.96 28.49 5.58
CA HIS B 91 14.27 28.01 4.39
C HIS B 91 13.77 26.56 4.56
N LEU B 92 14.54 25.72 5.26
CA LEU B 92 14.10 24.34 5.54
C LEU B 92 12.80 24.33 6.35
N VAL B 93 12.64 25.33 7.21
CA VAL B 93 11.39 25.49 7.93
C VAL B 93 10.28 25.97 7.00
N ALA B 94 10.60 26.98 6.17
CA ALA B 94 9.62 27.58 5.27
C ALA B 94 9.01 26.54 4.31
N ILE B 95 9.82 25.60 3.87
CA ILE B 95 9.34 24.58 2.92
C ILE B 95 8.89 23.27 3.60
N GLY B 96 8.92 23.24 4.92
CA GLY B 96 8.31 22.16 5.68
C GLY B 96 9.15 20.94 5.96
N LEU B 97 10.49 21.10 5.89
CA LEU B 97 11.40 20.00 6.22
C LEU B 97 11.82 20.02 7.69
N LEU B 98 11.90 21.22 8.27
CA LEU B 98 12.15 21.38 9.71
C LEU B 98 11.02 22.18 10.34
N GLU B 99 10.89 22.07 11.66
CA GLU B 99 10.00 22.97 12.39
C GLU B 99 10.66 23.39 13.68
N GLU B 100 10.31 24.57 14.16
CA GLU B 100 10.86 25.08 15.42
C GLU B 100 10.00 24.55 16.56
N ASP B 101 10.58 23.61 17.31
CA ASP B 101 9.92 22.90 18.40
C ASP B 101 9.80 23.80 19.63
N ALA B 102 10.95 24.09 20.22
CA ALA B 102 11.06 25.04 21.33
C ALA B 102 11.80 26.25 20.79
N PRO B 103 11.81 27.38 21.54
CA PRO B 103 12.55 28.53 21.02
C PRO B 103 14.00 28.21 20.69
N GLY B 104 14.39 28.48 19.44
CA GLY B 104 15.74 28.23 18.97
C GLY B 104 16.10 26.77 18.75
N GLU B 105 15.12 25.87 18.85
CA GLU B 105 15.37 24.44 18.66
C GLU B 105 14.57 23.90 17.49
N PHE B 106 15.23 23.15 16.62
CA PHE B 106 14.63 22.70 15.37
C PHE B 106 14.62 21.19 15.31
N VAL B 107 13.55 20.64 14.74
CA VAL B 107 13.42 19.20 14.61
C VAL B 107 12.89 18.89 13.22
N PRO B 108 13.19 17.70 12.72
CA PRO B 108 12.66 17.37 11.40
C PRO B 108 11.15 17.10 11.45
N THR B 109 10.48 17.47 10.37
CA THR B 109 9.07 17.14 10.18
C THR B 109 9.00 15.70 9.65
N GLU B 110 7.79 15.20 9.41
N GLU B 110 7.78 15.24 9.42
CA GLU B 110 7.69 13.86 8.86
CA GLU B 110 7.54 13.93 8.82
C GLU B 110 8.32 13.82 7.46
C GLU B 110 8.21 13.81 7.45
N VAL B 111 8.28 14.92 6.72
CA VAL B 111 8.94 14.95 5.42
C VAL B 111 10.45 15.03 5.62
N GLY B 112 10.89 15.92 6.51
CA GLY B 112 12.29 16.07 6.79
C GLY B 112 12.98 14.83 7.32
N GLU B 113 12.24 13.97 8.03
CA GLU B 113 12.83 12.74 8.58
C GLU B 113 13.40 11.85 7.50
N LEU B 114 12.93 12.03 6.27
CA LEU B 114 13.35 11.19 5.16
C LEU B 114 14.80 11.46 4.77
N LEU B 115 15.39 12.53 5.33
CA LEU B 115 16.81 12.82 5.10
C LEU B 115 17.72 12.16 6.15
N ALA B 116 17.13 11.42 7.08
CA ALA B 116 17.93 10.62 8.01
C ALA B 116 18.72 9.60 7.19
N ASP B 117 20.00 9.40 7.53
CA ASP B 117 20.87 8.62 6.67
C ASP B 117 20.42 7.17 6.48
N ASP B 118 19.78 6.59 7.49
CA ASP B 118 19.42 5.16 7.41
C ASP B 118 17.96 4.92 7.04
N HIS B 119 17.25 5.99 6.65
CA HIS B 119 15.91 5.78 6.12
C HIS B 119 15.98 4.98 4.81
N PRO B 120 15.10 3.98 4.64
CA PRO B 120 15.18 3.03 3.53
C PRO B 120 15.09 3.64 2.12
N ALA B 121 14.51 4.83 1.98
CA ALA B 121 14.41 5.44 0.65
C ALA B 121 15.73 6.06 0.20
N ALA B 122 16.70 6.10 1.12
CA ALA B 122 18.07 6.57 0.85
C ALA B 122 18.10 7.98 0.28
N GLN B 123 17.10 8.80 0.61
CA GLN B 123 17.05 10.12 -0.02
C GLN B 123 18.17 11.05 0.43
N ARG B 124 18.78 10.83 1.60
CA ARG B 124 19.93 11.66 1.95
C ARG B 124 21.07 11.44 0.95
N ALA B 125 21.39 10.17 0.68
CA ALA B 125 22.47 9.87 -0.24
C ALA B 125 22.13 10.34 -1.65
N TRP B 126 20.89 10.16 -2.08
CA TRP B 126 20.48 10.59 -3.41
C TRP B 126 20.58 12.10 -3.61
N HIS B 127 20.55 12.85 -2.51
CA HIS B 127 20.64 14.31 -2.57
C HIS B 127 21.98 14.84 -2.09
N ASP B 128 22.92 13.94 -1.79
CA ASP B 128 24.24 14.35 -1.28
C ASP B 128 25.13 14.80 -2.44
N LEU B 129 25.55 16.06 -2.41
CA LEU B 129 26.31 16.69 -3.49
C LEU B 129 27.72 16.13 -3.68
N THR B 130 28.20 15.35 -2.72
CA THR B 130 29.48 14.69 -2.83
C THR B 130 29.33 13.26 -3.34
N GLN B 131 28.09 12.80 -3.51
CA GLN B 131 27.87 11.49 -4.11
C GLN B 131 27.46 11.67 -5.57
N ALA B 132 27.46 10.57 -6.33
CA ALA B 132 27.52 10.66 -7.79
C ALA B 132 26.33 11.34 -8.44
N VAL B 133 25.12 11.09 -7.94
CA VAL B 133 23.94 11.52 -8.67
C VAL B 133 23.64 13.00 -8.47
N ALA B 134 23.62 13.46 -7.21
CA ALA B 134 23.35 14.89 -6.98
C ALA B 134 24.47 15.74 -7.57
N ARG B 135 25.68 15.20 -7.53
CA ARG B 135 26.79 15.85 -8.23
C ARG B 135 26.52 15.96 -9.73
N ALA B 136 26.10 14.85 -10.35
CA ALA B 136 25.77 14.86 -11.77
C ALA B 136 24.59 15.77 -12.09
N ASP B 137 23.65 15.94 -11.16
CA ASP B 137 22.49 16.81 -11.40
C ASP B 137 22.86 18.27 -11.69
N ILE B 138 24.07 18.70 -11.32
CA ILE B 138 24.52 20.06 -11.65
C ILE B 138 24.50 20.25 -13.18
N SER B 139 24.60 19.14 -13.93
CA SER B 139 24.46 19.18 -15.38
C SER B 139 23.18 19.90 -15.85
N PHE B 140 22.14 19.88 -15.01
CA PHE B 140 20.89 20.51 -15.40
C PHE B 140 21.01 22.02 -15.51
N THR B 141 22.05 22.62 -14.94
CA THR B 141 22.22 24.05 -15.09
C THR B 141 22.49 24.44 -16.55
N ARG B 142 22.85 23.48 -17.39
CA ARG B 142 23.05 23.76 -18.79
C ARG B 142 22.03 23.04 -19.66
N LEU B 143 20.85 22.79 -19.08
CA LEU B 143 19.78 22.12 -19.81
C LEU B 143 19.44 22.72 -21.19
N PRO B 144 19.46 24.07 -21.35
CA PRO B 144 19.17 24.59 -22.70
C PRO B 144 20.09 24.02 -23.79
N ASP B 145 21.37 23.83 -23.47
CA ASP B 145 22.32 23.24 -24.43
C ASP B 145 21.92 21.82 -24.79
N ALA B 146 21.42 21.07 -23.80
CA ALA B 146 21.05 19.68 -24.03
C ALA B 146 19.78 19.59 -24.88
N ILE B 147 18.89 20.55 -24.73
CA ILE B 147 17.66 20.55 -25.54
C ILE B 147 18.01 20.95 -26.98
N ARG B 148 18.97 21.86 -27.13
CA ARG B 148 19.41 22.26 -28.46
C ARG B 148 20.15 21.15 -29.18
N THR B 149 21.00 20.43 -28.47
CA THR B 149 21.90 19.48 -29.12
C THR B 149 21.54 18.00 -28.96
N GLY B 150 20.71 17.69 -27.97
CA GLY B 150 20.44 16.28 -27.63
C GLY B 150 21.63 15.57 -26.97
N ARG B 151 22.64 16.33 -26.58
CA ARG B 151 23.88 15.80 -26.01
C ARG B 151 24.08 16.18 -24.54
N PRO B 152 24.80 15.34 -23.78
CA PRO B 152 24.97 15.58 -22.35
C PRO B 152 25.82 16.81 -22.04
N THR B 153 25.59 17.38 -20.85
CA THR B 153 26.30 18.56 -20.42
C THR B 153 27.27 18.26 -19.28
N TYR B 154 27.28 17.01 -18.83
CA TYR B 154 28.11 16.60 -17.69
C TYR B 154 29.59 16.91 -17.94
N GLU B 155 30.08 16.52 -19.11
CA GLU B 155 31.49 16.73 -19.44
C GLU B 155 31.85 18.22 -19.43
N SER B 156 30.94 19.08 -19.88
CA SER B 156 31.23 20.51 -19.93
C SER B 156 31.42 21.07 -18.52
N ILE B 157 30.88 20.38 -17.52
CA ILE B 157 31.01 20.82 -16.14
C ILE B 157 32.16 20.13 -15.41
N TYR B 158 32.30 18.82 -15.58
CA TYR B 158 33.27 18.07 -14.78
C TYR B 158 34.53 17.65 -15.52
N GLY B 159 34.57 17.87 -16.84
CA GLY B 159 35.79 17.66 -17.61
C GLY B 159 35.95 16.32 -18.32
N LYS B 160 35.16 15.34 -17.90
CA LYS B 160 35.12 14.05 -18.58
C LYS B 160 33.67 13.60 -18.69
N PRO B 161 33.36 12.77 -19.70
CA PRO B 161 32.02 12.18 -19.70
C PRO B 161 31.81 11.29 -18.48
N PHE B 162 30.53 11.05 -18.19
CA PHE B 162 30.09 10.43 -16.93
C PHE B 162 30.90 9.19 -16.49
N TYR B 163 30.92 8.13 -17.29
CA TYR B 163 31.56 6.92 -16.78
C TYR B 163 33.08 7.05 -16.76
N GLU B 164 33.64 7.91 -17.61
CA GLU B 164 35.09 8.17 -17.56
C GLU B 164 35.46 8.94 -16.31
N ASP B 165 34.60 9.86 -15.90
CA ASP B 165 34.79 10.60 -14.66
C ASP B 165 34.75 9.64 -13.48
N LEU B 166 33.75 8.76 -13.44
CA LEU B 166 33.66 7.78 -12.37
C LEU B 166 34.88 6.85 -12.35
N ALA B 167 35.42 6.54 -13.53
CA ALA B 167 36.58 5.64 -13.63
C ALA B 167 37.80 6.21 -12.91
N GLY B 168 37.89 7.53 -12.87
CA GLY B 168 38.98 8.21 -12.18
C GLY B 168 38.67 8.60 -10.74
N ARG B 169 37.45 8.33 -10.29
CA ARG B 169 37.01 8.74 -8.96
C ARG B 169 36.33 7.59 -8.23
N PRO B 170 37.14 6.73 -7.60
CA PRO B 170 36.64 5.53 -6.91
C PRO B 170 35.54 5.81 -5.90
N ASP B 171 35.60 6.98 -5.27
CA ASP B 171 34.55 7.37 -4.33
C ASP B 171 33.22 7.55 -5.05
N LEU B 172 33.25 8.19 -6.23
CA LEU B 172 32.03 8.41 -6.97
C LEU B 172 31.52 7.13 -7.61
N ARG B 173 32.45 6.32 -8.11
CA ARG B 173 32.11 5.04 -8.71
C ARG B 173 31.34 4.22 -7.67
N ALA B 174 31.85 4.20 -6.44
CA ALA B 174 31.25 3.40 -5.38
C ALA B 174 29.89 3.92 -4.92
N SER B 175 29.76 5.23 -4.78
CA SER B 175 28.48 5.78 -4.35
C SER B 175 27.43 5.54 -5.43
N PHE B 176 27.82 5.68 -6.70
CA PHE B 176 26.89 5.41 -7.80
C PHE B 176 26.38 3.98 -7.74
N ASP B 177 27.30 3.04 -7.63
CA ASP B 177 26.93 1.63 -7.58
C ASP B 177 25.99 1.35 -6.40
N SER B 178 26.22 2.00 -5.26
CA SER B 178 25.36 1.79 -4.08
C SER B 178 23.99 2.44 -4.20
N LEU B 179 23.93 3.61 -4.83
CA LEU B 179 22.65 4.30 -4.98
C LEU B 179 21.66 3.48 -5.80
N LEU B 180 22.14 2.93 -6.90
CA LEU B 180 21.28 2.23 -7.84
C LEU B 180 20.64 0.98 -7.19
N ALA B 181 21.36 0.40 -6.24
CA ALA B 181 20.93 -0.83 -5.59
C ALA B 181 20.24 -0.61 -4.23
N CYS B 182 19.84 0.63 -3.96
CA CYS B 182 19.28 0.96 -2.65
C CYS B 182 17.99 0.21 -2.33
N ASP B 183 17.26 -0.20 -3.36
CA ASP B 183 16.04 -1.03 -3.24
C ASP B 183 16.25 -2.37 -3.92
N GLN B 184 16.70 -3.36 -3.15
CA GLN B 184 17.03 -4.67 -3.69
C GLN B 184 15.83 -5.46 -4.24
N ASP B 185 14.63 -5.18 -3.75
CA ASP B 185 13.48 -5.96 -4.21
C ASP B 185 13.10 -5.50 -5.61
N VAL B 186 13.25 -4.22 -5.86
CA VAL B 186 12.89 -3.67 -7.15
C VAL B 186 14.02 -3.93 -8.13
N ALA B 187 15.25 -3.81 -7.65
CA ALA B 187 16.38 -3.93 -8.55
C ALA B 187 16.63 -5.39 -8.94
N PHE B 188 16.53 -6.30 -7.98
CA PHE B 188 16.99 -7.66 -8.24
C PHE B 188 15.96 -8.76 -8.03
N ASP B 189 15.22 -8.70 -6.92
CA ASP B 189 14.37 -9.84 -6.54
C ASP B 189 13.14 -9.98 -7.41
N ALA B 190 12.46 -8.86 -7.66
CA ALA B 190 11.23 -8.90 -8.47
C ALA B 190 11.48 -9.36 -9.92
N PRO B 191 12.48 -8.78 -10.62
CA PRO B 191 12.63 -9.27 -11.99
C PRO B 191 13.12 -10.72 -12.06
N ALA B 192 13.95 -11.14 -11.11
CA ALA B 192 14.43 -12.54 -11.10
C ALA B 192 13.27 -13.51 -10.89
N ALA B 193 12.32 -13.10 -10.06
CA ALA B 193 11.19 -13.95 -9.72
C ALA B 193 10.16 -14.04 -10.84
N ALA B 194 10.26 -13.12 -11.79
CA ALA B 194 9.28 -12.99 -12.87
C ALA B 194 9.67 -13.70 -14.15
N TYR B 195 10.81 -14.38 -14.13
CA TYR B 195 11.25 -15.11 -15.31
C TYR B 195 11.47 -16.58 -14.96
N ASP B 196 11.12 -17.47 -15.88
CA ASP B 196 11.27 -18.90 -15.68
C ASP B 196 12.66 -19.35 -16.14
N TRP B 197 13.51 -19.72 -15.18
CA TRP B 197 14.91 -20.04 -15.45
C TRP B 197 15.13 -21.54 -15.75
N THR B 198 14.05 -22.31 -15.84
CA THR B 198 14.16 -23.76 -15.97
C THR B 198 15.01 -24.19 -17.17
N ASN B 199 14.81 -23.56 -18.32
CA ASN B 199 15.56 -23.94 -19.52
C ASN B 199 16.78 -23.07 -19.79
N VAL B 200 17.24 -22.38 -18.75
CA VAL B 200 18.42 -21.53 -18.86
C VAL B 200 19.59 -22.22 -18.18
N ARG B 201 20.70 -22.37 -18.90
CA ARG B 201 21.90 -22.96 -18.35
C ARG B 201 22.89 -21.89 -17.94
N HIS B 202 23.09 -20.91 -18.79
CA HIS B 202 23.99 -19.81 -18.48
C HIS B 202 23.40 -18.43 -18.72
N VAL B 203 23.70 -17.53 -17.80
CA VAL B 203 23.23 -16.16 -17.85
C VAL B 203 24.40 -15.21 -18.00
N LEU B 204 24.25 -14.20 -18.86
CA LEU B 204 25.24 -13.14 -18.95
C LEU B 204 24.59 -11.83 -18.56
N ASP B 205 25.06 -11.21 -17.49
CA ASP B 205 24.49 -9.92 -17.07
C ASP B 205 25.38 -8.79 -17.55
N VAL B 206 24.93 -8.12 -18.60
CA VAL B 206 25.72 -7.14 -19.31
C VAL B 206 25.59 -5.78 -18.64
N GLY B 207 26.70 -5.24 -18.12
CA GLY B 207 26.62 -4.02 -17.32
C GLY B 207 25.89 -4.31 -16.01
N GLY B 208 26.23 -5.43 -15.38
CA GLY B 208 25.50 -5.97 -14.25
C GLY B 208 25.76 -5.38 -12.87
N GLY B 209 26.43 -4.23 -12.82
CA GLY B 209 26.65 -3.56 -11.55
C GLY B 209 27.43 -4.41 -10.56
N LYS B 210 27.00 -4.42 -9.30
CA LYS B 210 27.67 -5.22 -8.27
C LYS B 210 27.31 -6.69 -8.32
N GLY B 211 26.51 -7.09 -9.31
CA GLY B 211 26.14 -8.49 -9.45
C GLY B 211 24.88 -8.87 -8.69
N GLY B 212 24.11 -7.87 -8.26
CA GLY B 212 22.89 -8.12 -7.51
C GLY B 212 21.83 -8.92 -8.26
N PHE B 213 21.66 -8.61 -9.55
CA PHE B 213 20.67 -9.29 -10.39
C PHE B 213 21.13 -10.72 -10.61
N ALA B 214 22.40 -10.91 -10.98
CA ALA B 214 22.94 -12.26 -11.17
C ALA B 214 22.81 -13.11 -9.90
N ALA B 215 23.05 -12.51 -8.74
CA ALA B 215 22.95 -13.22 -7.47
C ALA B 215 21.51 -13.66 -7.20
N ALA B 216 20.55 -12.77 -7.44
CA ALA B 216 19.14 -13.09 -7.23
C ALA B 216 18.69 -14.26 -8.12
N ILE B 217 19.17 -14.28 -9.36
CA ILE B 217 18.89 -15.39 -10.26
C ILE B 217 19.52 -16.68 -9.75
N ALA B 218 20.78 -16.61 -9.36
CA ALA B 218 21.50 -17.79 -8.87
C ALA B 218 20.81 -18.43 -7.68
N ARG B 219 20.30 -17.61 -6.75
CA ARG B 219 19.60 -18.13 -5.56
C ARG B 219 18.33 -18.86 -5.95
N ARG B 220 17.63 -18.31 -6.93
CA ARG B 220 16.34 -18.86 -7.38
C ARG B 220 16.48 -20.03 -8.33
N ALA B 221 17.61 -20.10 -9.02
CA ALA B 221 17.84 -21.10 -10.03
C ALA B 221 19.22 -21.73 -9.81
N PRO B 222 19.29 -22.66 -8.86
CA PRO B 222 20.53 -23.30 -8.40
C PRO B 222 21.34 -23.94 -9.52
N HIS B 223 20.68 -24.29 -10.64
CA HIS B 223 21.37 -24.94 -11.76
C HIS B 223 22.10 -23.96 -12.68
N VAL B 224 21.79 -22.67 -12.56
CA VAL B 224 22.31 -21.68 -13.47
C VAL B 224 23.75 -21.30 -13.12
N SER B 225 24.57 -21.06 -14.13
CA SER B 225 25.82 -20.36 -13.90
C SER B 225 25.69 -18.98 -14.53
N ALA B 226 26.32 -17.98 -13.94
CA ALA B 226 26.16 -16.63 -14.45
C ALA B 226 27.49 -15.91 -14.54
N THR B 227 27.55 -14.95 -15.44
CA THR B 227 28.71 -14.10 -15.61
C THR B 227 28.29 -12.65 -15.60
N VAL B 228 28.97 -11.83 -14.80
CA VAL B 228 28.72 -10.39 -14.79
C VAL B 228 29.81 -9.67 -15.59
N LEU B 229 29.39 -8.92 -16.60
CA LEU B 229 30.33 -8.10 -17.38
C LEU B 229 30.24 -6.66 -16.92
N GLU B 230 31.35 -6.10 -16.43
CA GLU B 230 31.34 -4.75 -15.92
C GLU B 230 32.64 -3.99 -16.17
N MET B 231 32.65 -2.73 -15.74
CA MET B 231 33.81 -1.85 -15.87
C MET B 231 34.78 -2.00 -14.70
N ALA B 232 36.00 -1.50 -14.87
CA ALA B 232 36.99 -1.47 -13.80
C ALA B 232 36.45 -0.81 -12.54
N GLY B 233 36.89 -1.29 -11.38
CA GLY B 233 36.43 -0.75 -10.11
C GLY B 233 35.16 -1.43 -9.67
N THR B 234 34.14 -1.37 -10.53
CA THR B 234 32.88 -2.03 -10.26
C THR B 234 33.05 -3.55 -10.17
N VAL B 235 33.93 -4.09 -11.00
CA VAL B 235 34.18 -5.54 -10.99
C VAL B 235 34.66 -6.03 -9.63
N ASP B 236 35.44 -5.20 -8.93
CA ASP B 236 35.99 -5.62 -7.66
C ASP B 236 34.91 -5.64 -6.59
N THR B 237 34.06 -4.62 -6.57
CA THR B 237 32.95 -4.63 -5.62
C THR B 237 32.00 -5.77 -5.93
N ALA B 238 31.78 -6.07 -7.22
CA ALA B 238 30.95 -7.21 -7.62
C ALA B 238 31.53 -8.53 -7.12
N ARG B 239 32.81 -8.76 -7.40
CA ARG B 239 33.48 -9.98 -6.93
C ARG B 239 33.42 -10.09 -5.42
N SER B 240 33.67 -8.97 -4.73
CA SER B 240 33.64 -8.96 -3.27
C SER B 240 32.24 -9.26 -2.75
N TYR B 241 31.23 -8.71 -3.42
CA TYR B 241 29.84 -8.96 -3.04
C TYR B 241 29.48 -10.43 -3.22
N LEU B 242 29.82 -10.99 -4.37
CA LEU B 242 29.48 -12.37 -4.67
C LEU B 242 30.25 -13.33 -3.75
N LYS B 243 31.46 -12.97 -3.35
CA LYS B 243 32.21 -13.79 -2.43
C LYS B 243 31.54 -13.81 -1.06
N ASP B 244 31.12 -12.64 -0.60
CA ASP B 244 30.39 -12.50 0.66
C ASP B 244 29.11 -13.33 0.64
N GLU B 245 28.52 -13.46 -0.55
CA GLU B 245 27.29 -14.22 -0.72
C GLU B 245 27.54 -15.71 -0.87
N GLY B 246 28.80 -16.10 -0.96
CA GLY B 246 29.17 -17.48 -1.19
C GLY B 246 28.76 -17.96 -2.57
N LEU B 247 28.82 -17.06 -3.55
CA LEU B 247 28.39 -17.39 -4.90
C LEU B 247 29.52 -17.34 -5.93
N SER B 248 30.76 -17.25 -5.47
CA SER B 248 31.90 -17.13 -6.37
C SER B 248 32.02 -18.30 -7.34
N ASP B 249 31.54 -19.46 -6.91
CA ASP B 249 31.64 -20.69 -7.69
C ASP B 249 30.57 -20.76 -8.78
N ARG B 250 29.57 -19.90 -8.69
N ARG B 250 29.57 -19.89 -8.68
CA ARG B 250 28.46 -19.96 -9.63
CA ARG B 250 28.43 -19.94 -9.59
C ARG B 250 28.33 -18.68 -10.47
C ARG B 250 28.29 -18.68 -10.43
N VAL B 251 28.78 -17.57 -9.90
CA VAL B 251 28.73 -16.30 -10.62
C VAL B 251 30.13 -15.70 -10.71
N ASP B 252 30.67 -15.60 -11.92
CA ASP B 252 31.98 -14.97 -12.09
C ASP B 252 31.81 -13.56 -12.67
N VAL B 253 32.87 -12.77 -12.58
CA VAL B 253 32.83 -11.39 -13.04
C VAL B 253 33.94 -11.15 -14.05
N VAL B 254 33.59 -10.55 -15.17
CA VAL B 254 34.55 -10.26 -16.23
C VAL B 254 34.60 -8.76 -16.43
N GLU B 255 35.82 -8.21 -16.43
CA GLU B 255 35.99 -6.80 -16.78
C GLU B 255 36.00 -6.68 -18.30
N GLY B 256 35.22 -5.76 -18.85
CA GLY B 256 35.15 -5.64 -20.29
C GLY B 256 34.27 -4.52 -20.78
N ASP B 257 34.11 -4.47 -22.10
CA ASP B 257 33.39 -3.37 -22.75
C ASP B 257 32.26 -3.97 -23.58
N PHE B 258 31.00 -3.64 -23.30
CA PHE B 258 29.93 -4.34 -24.01
C PHE B 258 29.70 -3.81 -25.43
N PHE B 259 30.53 -2.87 -25.89
CA PHE B 259 30.54 -2.54 -27.32
C PHE B 259 31.43 -3.48 -28.12
N GLU B 260 32.25 -4.26 -27.42
CA GLU B 260 33.10 -5.28 -28.06
C GLU B 260 32.36 -6.62 -28.07
N PRO B 261 32.86 -7.63 -28.84
CA PRO B 261 32.20 -8.93 -28.75
C PRO B 261 32.06 -9.40 -27.31
N LEU B 262 30.90 -9.94 -26.95
CA LEU B 262 30.68 -10.32 -25.56
C LEU B 262 31.53 -11.54 -25.22
N PRO B 263 31.98 -11.64 -23.96
CA PRO B 263 33.01 -12.62 -23.59
C PRO B 263 32.59 -14.09 -23.73
N ARG B 264 31.29 -14.35 -23.79
CA ARG B 264 30.82 -15.73 -23.97
C ARG B 264 29.38 -15.72 -24.43
N LYS B 265 28.87 -16.89 -24.79
CA LYS B 265 27.45 -17.01 -25.17
C LYS B 265 26.60 -17.35 -23.96
N ALA B 266 25.29 -17.15 -24.08
CA ALA B 266 24.38 -17.36 -22.95
C ALA B 266 22.96 -17.65 -23.42
N ASP B 267 22.18 -18.32 -22.57
CA ASP B 267 20.77 -18.61 -22.82
C ASP B 267 19.87 -17.43 -22.45
N ALA B 268 20.32 -16.64 -21.50
CA ALA B 268 19.61 -15.41 -21.13
C ALA B 268 20.63 -14.31 -20.98
N ILE B 269 20.40 -13.19 -21.64
CA ILE B 269 21.29 -12.06 -21.53
C ILE B 269 20.50 -10.91 -20.93
N ILE B 270 21.02 -10.36 -19.83
CA ILE B 270 20.32 -9.32 -19.07
C ILE B 270 20.84 -7.94 -19.38
N LEU B 271 19.92 -7.02 -19.67
CA LEU B 271 20.22 -5.60 -19.80
C LEU B 271 19.32 -4.85 -18.84
N SER B 272 19.78 -4.71 -17.61
CA SER B 272 18.99 -4.09 -16.57
C SER B 272 19.46 -2.66 -16.34
N PHE B 273 18.61 -1.72 -16.76
CA PHE B 273 18.91 -0.29 -16.69
C PHE B 273 20.28 0.00 -17.30
N VAL B 274 20.49 -0.53 -18.49
CA VAL B 274 21.70 -0.25 -19.24
C VAL B 274 21.38 0.60 -20.46
N LEU B 275 20.43 0.17 -21.28
CA LEU B 275 20.19 0.84 -22.56
C LEU B 275 19.78 2.31 -22.40
N LEU B 276 19.10 2.66 -21.30
CA LEU B 276 18.70 4.07 -21.11
C LEU B 276 19.90 5.01 -21.00
N ASN B 277 21.09 4.47 -20.76
CA ASN B 277 22.32 5.28 -20.68
C ASN B 277 22.81 5.76 -22.04
N TRP B 278 22.18 5.27 -23.11
CA TRP B 278 22.74 5.39 -24.45
C TRP B 278 21.76 5.90 -25.47
N PRO B 279 22.24 6.75 -26.40
CA PRO B 279 21.37 7.18 -27.49
C PRO B 279 21.06 6.00 -28.40
N ASP B 280 20.06 6.14 -29.26
CA ASP B 280 19.58 5.03 -30.07
C ASP B 280 20.67 4.24 -30.80
N HIS B 281 21.63 4.92 -31.44
CA HIS B 281 22.61 4.18 -32.25
C HIS B 281 23.53 3.31 -31.38
N ASP B 282 23.85 3.79 -30.19
CA ASP B 282 24.67 3.01 -29.25
C ASP B 282 23.86 1.88 -28.64
N ALA B 283 22.61 2.17 -28.31
CA ALA B 283 21.74 1.13 -27.76
C ALA B 283 21.57 -0.02 -28.75
N VAL B 284 21.46 0.32 -30.03
CA VAL B 284 21.35 -0.73 -31.05
C VAL B 284 22.64 -1.54 -31.11
N ARG B 285 23.78 -0.87 -31.03
CA ARG B 285 25.07 -1.58 -31.01
C ARG B 285 25.12 -2.58 -29.84
N ILE B 286 24.72 -2.15 -28.65
CA ILE B 286 24.73 -3.05 -27.48
C ILE B 286 23.76 -4.22 -27.69
N LEU B 287 22.54 -3.93 -28.14
CA LEU B 287 21.57 -5.00 -28.40
C LEU B 287 22.07 -5.98 -29.46
N THR B 288 22.77 -5.46 -30.46
CA THR B 288 23.33 -6.29 -31.53
C THR B 288 24.43 -7.20 -30.98
N ARG B 289 25.31 -6.67 -30.14
CA ARG B 289 26.29 -7.53 -29.44
C ARG B 289 25.62 -8.66 -28.65
N CYS B 290 24.49 -8.35 -27.99
CA CYS B 290 23.76 -9.34 -27.22
C CYS B 290 23.14 -10.37 -28.13
N ALA B 291 22.53 -9.91 -29.22
CA ALA B 291 21.93 -10.82 -30.21
C ALA B 291 22.97 -11.80 -30.73
N GLU B 292 24.16 -11.27 -30.99
CA GLU B 292 25.25 -12.09 -31.53
C GLU B 292 25.81 -13.10 -30.54
N ALA B 293 25.50 -12.90 -29.25
CA ALA B 293 26.00 -13.79 -28.20
C ALA B 293 24.94 -14.77 -27.69
N LEU B 294 23.76 -14.77 -28.27
CA LEU B 294 22.69 -15.65 -27.80
C LEU B 294 22.88 -17.09 -28.26
N GLU B 295 22.76 -18.03 -27.32
CA GLU B 295 22.65 -19.44 -27.68
C GLU B 295 21.35 -19.63 -28.44
N PRO B 296 21.22 -20.73 -29.20
CA PRO B 296 19.92 -21.03 -29.80
C PRO B 296 18.80 -21.12 -28.77
N GLY B 297 17.68 -20.46 -29.07
CA GLY B 297 16.53 -20.45 -28.17
C GLY B 297 16.68 -19.46 -27.04
N GLY B 298 17.82 -18.77 -27.02
CA GLY B 298 18.10 -17.81 -25.98
C GLY B 298 17.25 -16.55 -26.08
N ARG B 299 17.21 -15.78 -24.99
CA ARG B 299 16.44 -14.54 -24.95
C ARG B 299 17.25 -13.41 -24.33
N ILE B 300 16.94 -12.18 -24.74
CA ILE B 300 17.48 -10.99 -24.13
C ILE B 300 16.42 -10.39 -23.24
N LEU B 301 16.79 -10.09 -21.98
CA LEU B 301 15.86 -9.58 -20.99
C LEU B 301 16.21 -8.14 -20.68
N ILE B 302 15.28 -7.23 -20.96
CA ILE B 302 15.52 -5.81 -20.67
C ILE B 302 14.67 -5.40 -19.48
N HIS B 303 15.34 -4.88 -18.45
CA HIS B 303 14.68 -4.46 -17.23
C HIS B 303 14.72 -2.95 -17.19
N GLU B 304 13.58 -2.31 -17.49
CA GLU B 304 13.50 -0.85 -17.57
C GLU B 304 12.06 -0.38 -17.49
N ARG B 305 11.84 0.93 -17.48
CA ARG B 305 10.49 1.45 -17.65
C ARG B 305 10.06 1.22 -19.09
N ASP B 306 8.76 1.10 -19.29
CA ASP B 306 8.23 0.88 -20.63
C ASP B 306 6.86 1.56 -20.76
N ASP B 307 6.76 2.81 -20.33
CA ASP B 307 5.49 3.53 -20.36
C ASP B 307 4.94 3.62 -21.79
N LEU B 308 3.63 3.44 -21.95
CA LEU B 308 2.96 3.92 -23.16
C LEU B 308 3.22 5.42 -23.28
N HIS B 309 3.37 5.93 -24.50
CA HIS B 309 3.59 7.37 -24.68
C HIS B 309 2.56 8.21 -23.96
N GLU B 310 1.28 7.86 -24.14
CA GLU B 310 0.19 8.62 -23.55
C GLU B 310 0.21 8.57 -22.03
N ASN B 311 0.93 7.60 -21.48
CA ASN B 311 1.08 7.48 -20.02
C ASN B 311 2.42 8.00 -19.52
N SER B 312 3.23 8.59 -20.38
CA SER B 312 4.62 8.92 -20.00
C SER B 312 4.76 10.33 -19.46
N PHE B 313 3.68 11.09 -19.47
CA PHE B 313 3.76 12.46 -19.00
C PHE B 313 3.64 12.49 -17.48
N ASN B 314 4.60 11.87 -16.80
CA ASN B 314 4.57 11.80 -15.35
C ASN B 314 5.96 12.04 -14.80
N GLU B 315 6.05 12.47 -13.54
CA GLU B 315 7.32 12.92 -12.98
C GLU B 315 8.37 11.81 -12.80
N GLN B 316 7.94 10.56 -12.62
CA GLN B 316 8.92 9.48 -12.51
C GLN B 316 9.66 9.30 -13.83
N PHE B 317 8.89 9.22 -14.90
CA PHE B 317 9.45 9.10 -16.23
C PHE B 317 10.34 10.29 -16.56
N THR B 318 9.86 11.51 -16.34
CA THR B 318 10.61 12.67 -16.82
C THR B 318 11.88 12.88 -16.01
N GLU B 319 11.84 12.58 -14.71
CA GLU B 319 13.05 12.74 -13.90
C GLU B 319 14.18 11.89 -14.45
N LEU B 320 13.89 10.61 -14.66
CA LEU B 320 14.92 9.70 -15.13
C LEU B 320 15.31 10.02 -16.57
N ASP B 321 14.30 10.29 -17.40
CA ASP B 321 14.59 10.58 -18.80
C ASP B 321 15.47 11.83 -18.97
N LEU B 322 15.17 12.88 -18.22
CA LEU B 322 15.95 14.10 -18.38
C LEU B 322 17.35 13.95 -17.77
N ARG B 323 17.47 13.18 -16.68
CA ARG B 323 18.79 12.86 -16.16
C ARG B 323 19.60 12.12 -17.21
N MET B 324 18.98 11.16 -17.91
CA MET B 324 19.74 10.43 -18.94
C MET B 324 20.20 11.40 -20.03
N LEU B 325 19.36 12.37 -20.37
CA LEU B 325 19.75 13.33 -21.38
C LEU B 325 20.98 14.12 -20.93
N VAL B 326 20.93 14.75 -19.76
CA VAL B 326 22.03 15.64 -19.42
C VAL B 326 23.26 14.90 -18.86
N PHE B 327 23.08 13.73 -18.22
CA PHE B 327 24.25 12.98 -17.73
C PHE B 327 24.99 12.33 -18.89
N LEU B 328 24.21 11.79 -19.83
CA LEU B 328 24.75 10.78 -20.75
C LEU B 328 24.31 10.88 -22.21
N GLY B 329 23.28 11.65 -22.51
CA GLY B 329 22.73 11.66 -23.86
C GLY B 329 21.91 10.41 -24.13
N GLY B 330 21.52 9.74 -23.05
CA GLY B 330 20.64 8.57 -23.16
C GLY B 330 19.19 9.01 -23.16
N ALA B 331 18.31 8.05 -22.93
CA ALA B 331 16.87 8.30 -23.04
C ALA B 331 16.07 7.12 -22.50
N LEU B 332 14.95 7.40 -21.83
CA LEU B 332 13.93 6.36 -21.61
C LEU B 332 13.19 6.11 -22.89
N ARG B 333 12.78 4.86 -23.10
CA ARG B 333 12.04 4.53 -24.30
C ARG B 333 10.63 4.10 -23.95
N THR B 334 9.66 4.75 -24.59
CA THR B 334 8.26 4.40 -24.43
C THR B 334 7.98 3.09 -25.16
N ARG B 335 6.80 2.54 -24.91
N ARG B 335 6.82 2.50 -24.88
CA ARG B 335 6.42 1.21 -25.39
CA ARG B 335 6.47 1.18 -25.40
C ARG B 335 6.66 1.02 -26.89
C ARG B 335 6.69 1.02 -26.90
N GLU B 336 6.30 2.02 -27.69
CA GLU B 336 6.38 1.90 -29.14
C GLU B 336 7.82 2.00 -29.62
N LYS B 337 8.67 2.68 -28.86
CA LYS B 337 10.07 2.89 -29.27
C LYS B 337 10.84 1.59 -29.21
N TRP B 338 10.52 0.76 -28.22
CA TRP B 338 11.25 -0.47 -28.00
C TRP B 338 11.13 -1.39 -29.20
N ASP B 339 9.95 -1.40 -29.79
CA ASP B 339 9.70 -2.23 -30.96
C ASP B 339 10.64 -1.87 -32.13
N GLY B 340 10.85 -0.57 -32.33
CA GLY B 340 11.75 -0.11 -33.39
C GLY B 340 13.21 -0.40 -33.10
N LEU B 341 13.62 -0.17 -31.85
CA LEU B 341 14.99 -0.45 -31.44
C LEU B 341 15.33 -1.92 -31.62
N ALA B 342 14.40 -2.78 -31.21
CA ALA B 342 14.60 -4.21 -31.37
C ALA B 342 14.80 -4.60 -32.84
N ALA B 343 13.98 -4.05 -33.72
CA ALA B 343 14.08 -4.35 -35.13
C ALA B 343 15.49 -4.06 -35.67
N SER B 344 16.07 -2.94 -35.28
CA SER B 344 17.40 -2.55 -35.76
C SER B 344 18.51 -3.49 -35.34
N ALA B 345 18.26 -4.26 -34.27
CA ALA B 345 19.25 -5.18 -33.75
C ALA B 345 19.00 -6.62 -34.21
N GLY B 346 18.01 -6.78 -35.09
CA GLY B 346 17.65 -8.09 -35.60
C GLY B 346 16.84 -8.86 -34.57
N LEU B 347 16.11 -8.11 -33.75
CA LEU B 347 15.34 -8.69 -32.65
C LEU B 347 13.86 -8.33 -32.73
N VAL B 348 13.06 -9.05 -31.95
CA VAL B 348 11.65 -8.73 -31.84
C VAL B 348 11.27 -8.78 -30.36
N VAL B 349 10.40 -7.88 -29.93
CA VAL B 349 9.87 -7.95 -28.57
C VAL B 349 8.84 -9.08 -28.55
N GLU B 350 9.21 -10.20 -27.91
CA GLU B 350 8.34 -11.36 -27.85
C GLU B 350 7.22 -11.12 -26.84
N GLU B 351 7.54 -10.43 -25.76
CA GLU B 351 6.60 -10.28 -24.65
C GLU B 351 7.06 -9.16 -23.76
N VAL B 352 6.10 -8.43 -23.17
CA VAL B 352 6.42 -7.41 -22.18
C VAL B 352 5.73 -7.76 -20.88
N ARG B 353 6.52 -8.11 -19.88
CA ARG B 353 5.96 -8.50 -18.60
C ARG B 353 5.98 -7.34 -17.62
N GLN B 354 4.79 -6.88 -17.26
CA GLN B 354 4.65 -5.84 -16.24
C GLN B 354 4.99 -6.42 -14.88
N LEU B 355 5.95 -5.81 -14.20
CA LEU B 355 6.44 -6.34 -12.94
C LEU B 355 5.60 -5.83 -11.78
N PRO B 356 5.48 -6.63 -10.72
CA PRO B 356 4.82 -6.11 -9.52
C PRO B 356 5.64 -4.99 -8.90
N SER B 357 5.00 -4.11 -8.15
CA SER B 357 5.71 -3.10 -7.38
C SER B 357 5.70 -3.52 -5.92
N PRO B 358 6.76 -4.21 -5.49
CA PRO B 358 6.82 -4.77 -4.12
C PRO B 358 7.00 -3.71 -3.05
N THR B 359 7.44 -2.51 -3.45
CA THR B 359 7.69 -1.44 -2.51
C THR B 359 6.88 -0.19 -2.88
N ILE B 360 7.53 0.82 -3.45
CA ILE B 360 6.85 2.04 -3.90
C ILE B 360 6.17 1.84 -5.27
N PRO B 361 5.13 2.65 -5.56
CA PRO B 361 4.48 2.53 -6.88
C PRO B 361 5.38 3.12 -7.96
N TYR B 362 6.11 2.23 -8.64
CA TYR B 362 7.08 2.61 -9.66
C TYR B 362 7.00 1.55 -10.76
N ASP B 363 6.34 1.88 -11.86
CA ASP B 363 6.00 0.88 -12.87
C ASP B 363 7.23 0.44 -13.67
N LEU B 364 7.57 -0.84 -13.58
CA LEU B 364 8.71 -1.39 -14.31
C LEU B 364 8.31 -2.62 -15.08
N SER B 365 9.08 -2.94 -16.11
CA SER B 365 8.75 -4.13 -16.88
C SER B 365 9.99 -4.95 -17.18
N LEU B 366 9.73 -6.18 -17.63
CA LEU B 366 10.75 -7.05 -18.15
C LEU B 366 10.36 -7.35 -19.60
N LEU B 367 11.13 -6.82 -20.55
CA LEU B 367 10.89 -7.08 -21.96
C LEU B 367 11.69 -8.30 -22.36
N VAL B 368 11.04 -9.22 -23.06
CA VAL B 368 11.72 -10.43 -23.50
C VAL B 368 11.89 -10.37 -25.00
N LEU B 369 13.15 -10.31 -25.46
CA LEU B 369 13.43 -10.16 -26.88
C LEU B 369 14.00 -11.45 -27.45
N ALA B 370 13.59 -11.75 -28.68
CA ALA B 370 14.03 -12.94 -29.40
C ALA B 370 14.55 -12.54 -30.78
N PRO B 371 15.35 -13.42 -31.41
CA PRO B 371 15.73 -13.14 -32.80
C PRO B 371 14.50 -12.99 -33.68
N ALA B 372 14.50 -12.01 -34.58
CA ALA B 372 13.34 -11.76 -35.44
C ALA B 372 13.23 -12.80 -36.56
N PRO C 31 -3.34 47.03 16.35
CA PRO C 31 -3.74 46.13 17.45
C PRO C 31 -3.61 44.67 17.05
N GLN C 32 -2.97 43.88 17.90
CA GLN C 32 -2.55 42.52 17.53
C GLN C 32 -3.68 41.53 17.29
N GLN C 33 -4.82 41.74 17.94
CA GLN C 33 -5.89 40.76 17.84
C GLN C 33 -6.95 41.06 16.78
N ILE C 34 -6.80 42.13 16.02
N ILE C 34 -6.77 42.11 16.00
CA ILE C 34 -7.82 42.46 15.03
CA ILE C 34 -7.76 42.49 14.99
C ILE C 34 -7.94 41.39 13.94
C ILE C 34 -7.93 41.43 13.91
N ASP C 35 -6.83 40.74 13.56
CA ASP C 35 -6.91 39.68 12.56
C ASP C 35 -7.78 38.52 13.07
N ALA C 36 -7.55 38.12 14.31
CA ALA C 36 -8.34 37.05 14.93
C ALA C 36 -9.81 37.46 15.04
N LEU C 37 -10.04 38.71 15.42
CA LEU C 37 -11.39 39.21 15.55
C LEU C 37 -12.14 39.13 14.24
N ARG C 38 -11.50 39.59 13.17
CA ARG C 38 -12.16 39.58 11.88
C ARG C 38 -12.45 38.15 11.43
N THR C 39 -11.52 37.25 11.70
CA THR C 39 -11.71 35.85 11.35
C THR C 39 -12.91 35.27 12.08
N LEU C 40 -13.01 35.54 13.38
CA LEU C 40 -14.15 35.02 14.16
C LEU C 40 -15.47 35.61 13.66
N ILE C 41 -15.49 36.92 13.45
CA ILE C 41 -16.73 37.55 12.99
C ILE C 41 -17.17 36.97 11.65
N ARG C 42 -16.25 36.78 10.71
CA ARG C 42 -16.61 36.17 9.43
C ARG C 42 -17.15 34.74 9.60
N LEU C 43 -16.47 33.93 10.42
CA LEU C 43 -16.92 32.56 10.64
C LEU C 43 -18.30 32.54 11.27
N GLY C 44 -18.56 33.48 12.16
CA GLY C 44 -19.83 33.50 12.87
C GLY C 44 -20.96 34.24 12.18
N SER C 45 -20.69 34.79 10.99
N SER C 45 -20.68 34.80 11.00
CA SER C 45 -21.66 35.61 10.27
CA SER C 45 -21.66 35.62 10.28
C SER C 45 -22.80 34.81 9.67
C SER C 45 -22.80 34.80 9.68
N LEU C 46 -24.03 35.11 10.06
CA LEU C 46 -25.16 34.42 9.50
C LEU C 46 -25.63 35.12 8.23
N HIS C 47 -25.40 36.44 8.14
CA HIS C 47 -25.87 37.15 6.95
C HIS C 47 -25.11 36.74 5.69
N THR C 48 -23.83 36.41 5.78
CA THR C 48 -23.07 36.10 4.56
C THR C 48 -23.63 34.86 3.81
N PRO C 49 -23.80 33.71 4.50
CA PRO C 49 -24.37 32.60 3.73
C PRO C 49 -25.80 32.87 3.27
N MET C 50 -26.56 33.65 4.04
CA MET C 50 -27.92 33.94 3.59
C MET C 50 -27.93 34.89 2.39
N VAL C 51 -26.93 35.76 2.30
CA VAL C 51 -26.76 36.62 1.12
C VAL C 51 -26.41 35.77 -0.12
N VAL C 52 -25.51 34.81 0.06
CA VAL C 52 -25.19 33.88 -1.03
C VAL C 52 -26.43 33.09 -1.48
N ARG C 53 -27.17 32.56 -0.51
CA ARG C 53 -28.34 31.74 -0.82
C ARG C 53 -29.45 32.61 -1.41
N THR C 54 -29.54 33.86 -0.96
CA THR C 54 -30.52 34.77 -1.57
C THR C 54 -30.18 35.06 -3.04
N ALA C 55 -28.91 35.34 -3.32
CA ALA C 55 -28.45 35.54 -4.70
C ALA C 55 -28.75 34.34 -5.59
N ALA C 56 -28.50 33.15 -5.07
CA ALA C 56 -28.78 31.92 -5.82
C ALA C 56 -30.27 31.80 -6.13
N THR C 57 -31.08 32.04 -5.11
CA THR C 57 -32.53 31.90 -5.20
C THR C 57 -33.15 32.90 -6.15
N LEU C 58 -32.62 34.13 -6.13
CA LEU C 58 -33.08 35.18 -7.05
C LEU C 58 -32.49 35.02 -8.44
N ARG C 59 -31.61 34.03 -8.60
CA ARG C 59 -30.95 33.78 -9.88
C ARG C 59 -30.23 35.03 -10.40
N LEU C 60 -29.66 35.82 -9.48
CA LEU C 60 -29.04 37.10 -9.85
C LEU C 60 -27.93 36.97 -10.88
N VAL C 61 -27.03 35.99 -10.72
CA VAL C 61 -25.91 35.88 -11.64
C VAL C 61 -26.43 35.55 -13.04
N ASP C 62 -27.41 34.65 -13.14
CA ASP C 62 -28.04 34.35 -14.43
C ASP C 62 -28.60 35.62 -15.08
N HIS C 63 -29.28 36.46 -14.30
CA HIS C 63 -29.89 37.68 -14.85
C HIS C 63 -28.84 38.67 -15.31
N ILE C 64 -27.74 38.75 -14.58
CA ILE C 64 -26.64 39.63 -14.95
C ILE C 64 -26.00 39.18 -16.26
N LEU C 65 -25.69 37.89 -16.35
CA LEU C 65 -25.10 37.34 -17.55
C LEU C 65 -26.00 37.51 -18.76
N ALA C 66 -27.32 37.53 -18.53
CA ALA C 66 -28.27 37.69 -19.60
C ALA C 66 -28.43 39.18 -19.98
N GLY C 67 -27.77 40.06 -19.25
CA GLY C 67 -27.70 41.46 -19.65
C GLY C 67 -28.12 42.53 -18.65
N ALA C 68 -28.72 42.13 -17.53
CA ALA C 68 -29.15 43.09 -16.54
C ALA C 68 -28.02 43.38 -15.56
N ARG C 69 -27.23 44.42 -15.84
CA ARG C 69 -26.03 44.67 -15.03
C ARG C 69 -26.21 45.78 -14.00
N THR C 70 -27.25 46.61 -14.19
CA THR C 70 -27.50 47.69 -13.25
C THR C 70 -28.47 47.24 -12.18
N VAL C 71 -28.46 47.92 -11.04
CA VAL C 71 -29.42 47.64 -9.99
C VAL C 71 -30.84 47.82 -10.51
N LYS C 72 -31.11 48.88 -11.28
CA LYS C 72 -32.48 49.09 -11.69
C LYS C 72 -32.95 47.99 -12.65
N ALA C 73 -32.07 47.54 -13.55
CA ALA C 73 -32.43 46.47 -14.46
C ALA C 73 -32.64 45.15 -13.71
N LEU C 74 -31.76 44.85 -12.76
CA LEU C 74 -31.86 43.60 -12.00
C LEU C 74 -33.08 43.60 -11.09
N ALA C 75 -33.42 44.76 -10.52
CA ALA C 75 -34.60 44.88 -9.68
C ALA C 75 -35.86 44.58 -10.47
N ALA C 76 -35.92 45.08 -11.69
CA ALA C 76 -37.05 44.82 -12.55
C ALA C 76 -37.12 43.34 -12.93
N ARG C 77 -35.98 42.73 -13.20
CA ARG C 77 -35.95 41.34 -13.64
C ARG C 77 -36.32 40.39 -12.49
N THR C 78 -36.09 40.83 -11.25
CA THR C 78 -36.31 40.01 -10.06
C THR C 78 -37.54 40.50 -9.25
N ASP C 79 -38.18 41.56 -9.71
CA ASP C 79 -39.22 42.28 -8.94
C ASP C 79 -38.82 42.49 -7.48
N THR C 80 -37.64 43.03 -7.25
CA THR C 80 -37.23 43.38 -5.91
C THR C 80 -37.21 44.90 -5.81
N ARG C 81 -37.17 45.42 -4.60
CA ARG C 81 -37.07 46.87 -4.40
C ARG C 81 -35.65 47.32 -4.68
N PRO C 82 -35.49 48.30 -5.59
CA PRO C 82 -34.14 48.69 -6.03
C PRO C 82 -33.16 48.98 -4.90
N GLU C 83 -33.57 49.77 -3.90
CA GLU C 83 -32.63 50.12 -2.83
C GLU C 83 -32.24 48.92 -1.98
N ALA C 84 -33.18 48.01 -1.76
CA ALA C 84 -32.88 46.81 -0.99
C ALA C 84 -31.97 45.88 -1.79
N LEU C 85 -32.20 45.80 -3.09
CA LEU C 85 -31.32 44.98 -3.94
C LEU C 85 -29.90 45.54 -3.98
N LEU C 86 -29.78 46.87 -4.07
CA LEU C 86 -28.45 47.47 -3.99
C LEU C 86 -27.75 47.02 -2.71
N ARG C 87 -28.49 46.95 -1.62
CA ARG C 87 -27.87 46.63 -0.35
C ARG C 87 -27.39 45.18 -0.30
N LEU C 88 -28.11 44.31 -0.99
CA LEU C 88 -27.68 42.91 -1.17
C LEU C 88 -26.42 42.83 -2.03
N ILE C 89 -26.44 43.54 -3.15
CA ILE C 89 -25.32 43.56 -4.08
C ILE C 89 -24.07 44.10 -3.39
N ARG C 90 -24.24 45.08 -2.52
CA ARG C 90 -23.10 45.63 -1.81
C ARG C 90 -22.36 44.54 -1.05
N HIS C 91 -23.09 43.67 -0.36
CA HIS C 91 -22.41 42.58 0.37
C HIS C 91 -21.83 41.54 -0.59
N LEU C 92 -22.53 41.24 -1.68
CA LEU C 92 -21.99 40.31 -2.67
C LEU C 92 -20.67 40.81 -3.24
N VAL C 93 -20.53 42.13 -3.37
CA VAL C 93 -19.25 42.70 -3.77
C VAL C 93 -18.21 42.57 -2.65
N ALA C 94 -18.60 42.90 -1.42
CA ALA C 94 -17.66 42.84 -0.29
C ALA C 94 -17.08 41.44 -0.11
N ILE C 95 -17.87 40.40 -0.37
CA ILE C 95 -17.38 39.04 -0.18
C ILE C 95 -16.82 38.41 -1.46
N GLY C 96 -16.80 39.19 -2.54
CA GLY C 96 -16.07 38.77 -3.74
C GLY C 96 -16.82 37.90 -4.75
N LEU C 97 -18.15 37.96 -4.71
CA LEU C 97 -18.98 37.22 -5.67
C LEU C 97 -19.35 38.09 -6.87
N LEU C 98 -19.49 39.39 -6.64
CA LEU C 98 -19.71 40.35 -7.71
C LEU C 98 -18.63 41.42 -7.67
N GLU C 99 -18.43 42.10 -8.80
CA GLU C 99 -17.57 43.27 -8.83
C GLU C 99 -18.17 44.37 -9.70
N GLU C 100 -17.85 45.62 -9.39
CA GLU C 100 -18.35 46.74 -10.16
C GLU C 100 -17.43 47.02 -11.34
N ASP C 101 -17.93 46.69 -12.54
CA ASP C 101 -17.15 46.81 -13.76
C ASP C 101 -17.05 48.27 -14.20
N ALA C 102 -18.20 48.81 -14.62
CA ALA C 102 -18.32 50.21 -14.93
C ALA C 102 -19.15 50.84 -13.82
N PRO C 103 -19.20 52.18 -13.75
CA PRO C 103 -20.02 52.77 -12.69
C PRO C 103 -21.46 52.26 -12.72
N GLY C 104 -21.90 51.70 -11.59
CA GLY C 104 -23.25 51.19 -11.46
C GLY C 104 -23.52 49.89 -12.19
N GLU C 105 -22.49 49.25 -12.72
CA GLU C 105 -22.67 47.96 -13.40
C GLU C 105 -21.91 46.84 -12.70
N PHE C 106 -22.60 45.74 -12.45
CA PHE C 106 -22.03 44.66 -11.66
C PHE C 106 -21.96 43.39 -12.49
N VAL C 107 -20.87 42.64 -12.32
CA VAL C 107 -20.68 41.38 -13.04
C VAL C 107 -20.15 40.35 -12.06
N PRO C 108 -20.37 39.06 -12.34
CA PRO C 108 -19.85 38.05 -11.43
C PRO C 108 -18.34 37.90 -11.49
N THR C 109 -17.71 37.60 -10.35
CA THR C 109 -16.31 37.25 -10.29
C THR C 109 -16.15 35.80 -10.72
N GLU C 110 -14.93 35.28 -10.75
CA GLU C 110 -14.75 33.88 -11.13
C GLU C 110 -15.46 32.99 -10.12
N VAL C 111 -15.51 33.43 -8.86
CA VAL C 111 -16.25 32.67 -7.84
C VAL C 111 -17.76 32.84 -8.07
N GLY C 112 -18.19 34.06 -8.32
CA GLY C 112 -19.61 34.32 -8.54
C GLY C 112 -20.18 33.57 -9.73
N GLU C 113 -19.32 33.31 -10.71
CA GLU C 113 -19.73 32.62 -11.93
C GLU C 113 -20.26 31.21 -11.62
N LEU C 114 -19.89 30.68 -10.47
CA LEU C 114 -20.32 29.35 -10.04
C LEU C 114 -21.80 29.32 -9.66
N LEU C 115 -22.43 30.48 -9.54
CA LEU C 115 -23.87 30.55 -9.29
C LEU C 115 -24.69 30.60 -10.58
N ALA C 116 -24.03 30.60 -11.73
CA ALA C 116 -24.75 30.49 -12.99
C ALA C 116 -25.46 29.14 -13.01
N ASP C 117 -26.70 29.12 -13.48
CA ASP C 117 -27.54 27.93 -13.35
C ASP C 117 -26.95 26.72 -14.08
N ASP C 118 -26.21 26.96 -15.16
CA ASP C 118 -25.73 25.83 -15.96
C ASP C 118 -24.30 25.43 -15.61
N HIS C 119 -23.73 25.99 -14.55
CA HIS C 119 -22.41 25.54 -14.11
C HIS C 119 -22.47 24.09 -13.60
N PRO C 120 -21.50 23.26 -14.00
CA PRO C 120 -21.56 21.81 -13.72
C PRO C 120 -21.60 21.45 -12.24
N ALA C 121 -21.10 22.31 -11.37
CA ALA C 121 -21.06 22.03 -9.93
C ALA C 121 -22.43 22.22 -9.26
N ALA C 122 -23.38 22.76 -10.02
CA ALA C 122 -24.78 22.91 -9.59
C ALA C 122 -24.93 23.69 -8.28
N GLN C 123 -24.00 24.60 -8.02
CA GLN C 123 -24.02 25.30 -6.74
C GLN C 123 -25.18 26.29 -6.60
N ARG C 124 -25.75 26.76 -7.72
CA ARG C 124 -26.94 27.61 -7.62
C ARG C 124 -28.08 26.81 -7.01
N ALA C 125 -28.30 25.60 -7.52
CA ALA C 125 -29.38 24.75 -7.02
C ALA C 125 -29.14 24.32 -5.57
N TRP C 126 -27.89 23.98 -5.25
CA TRP C 126 -27.54 23.57 -3.89
C TRP C 126 -27.75 24.70 -2.89
N HIS C 127 -27.76 25.94 -3.37
CA HIS C 127 -27.96 27.08 -2.47
C HIS C 127 -29.32 27.74 -2.64
N ASP C 128 -30.19 27.13 -3.44
CA ASP C 128 -31.53 27.70 -3.69
C ASP C 128 -32.45 27.32 -2.54
N LEU C 129 -32.96 28.35 -1.86
CA LEU C 129 -33.77 28.18 -0.67
C LEU C 129 -35.14 27.53 -0.94
N THR C 130 -35.51 27.43 -2.21
CA THR C 130 -36.75 26.77 -2.58
C THR C 130 -36.53 25.33 -2.97
N GLN C 131 -35.27 24.91 -3.02
CA GLN C 131 -34.95 23.51 -3.29
C GLN C 131 -34.61 22.79 -1.98
N ALA C 132 -34.53 21.47 -2.04
CA ALA C 132 -34.65 20.64 -0.85
C ALA C 132 -33.55 20.86 0.20
N VAL C 133 -32.32 21.04 -0.23
CA VAL C 133 -31.21 21.00 0.73
C VAL C 133 -31.06 22.34 1.45
N ALA C 134 -31.03 23.44 0.71
CA ALA C 134 -30.91 24.74 1.37
C ALA C 134 -32.14 25.04 2.23
N ARG C 135 -33.30 24.54 1.80
CA ARG C 135 -34.51 24.59 2.62
C ARG C 135 -34.31 23.78 3.91
N ALA C 136 -33.81 22.56 3.77
CA ALA C 136 -33.53 21.74 4.96
C ALA C 136 -32.49 22.37 5.88
N ASP C 137 -31.52 23.10 5.31
CA ASP C 137 -30.46 23.73 6.11
C ASP C 137 -30.98 24.71 7.15
N ILE C 138 -32.21 25.19 7.00
CA ILE C 138 -32.80 26.08 8.02
C ILE C 138 -32.87 25.32 9.37
N SER C 139 -32.85 23.98 9.31
CA SER C 139 -32.74 23.17 10.51
C SER C 139 -31.57 23.57 11.41
N PHE C 140 -30.52 24.13 10.81
CA PHE C 140 -29.35 24.54 11.58
C PHE C 140 -29.62 25.69 12.53
N THR C 141 -30.73 26.41 12.33
CA THR C 141 -31.08 27.50 13.24
C THR C 141 -31.42 26.98 14.64
N ARG C 142 -31.67 25.68 14.76
CA ARG C 142 -31.95 25.09 16.07
C ARG C 142 -30.88 24.07 16.45
N LEU C 143 -29.67 24.26 15.93
CA LEU C 143 -28.57 23.36 16.24
C LEU C 143 -28.36 23.09 17.75
N PRO C 144 -28.49 24.10 18.63
CA PRO C 144 -28.31 23.76 20.05
C PRO C 144 -29.21 22.62 20.54
N ASP C 145 -30.44 22.55 20.04
CA ASP C 145 -31.37 21.48 20.40
C ASP C 145 -30.81 20.13 19.98
N ALA C 146 -30.20 20.08 18.81
CA ALA C 146 -29.65 18.83 18.28
C ALA C 146 -28.38 18.41 19.03
N ILE C 147 -27.61 19.39 19.51
CA ILE C 147 -26.42 19.06 20.28
C ILE C 147 -26.86 18.55 21.65
N ARG C 148 -27.96 19.08 22.16
CA ARG C 148 -28.47 18.64 23.44
C ARG C 148 -28.98 17.18 23.41
N THR C 149 -29.73 16.82 22.37
CA THR C 149 -30.42 15.51 22.32
C THR C 149 -29.89 14.53 21.29
N GLY C 150 -29.15 15.03 20.31
CA GLY C 150 -28.73 14.21 19.19
C GLY C 150 -29.87 13.91 18.21
N ARG C 151 -30.99 14.61 18.37
CA ARG C 151 -32.17 14.37 17.55
C ARG C 151 -32.35 15.51 16.55
N PRO C 152 -32.92 15.19 15.37
CA PRO C 152 -33.06 16.17 14.29
C PRO C 152 -34.02 17.31 14.62
N THR C 153 -33.81 18.46 13.98
CA THR C 153 -34.65 19.62 14.24
C THR C 153 -35.54 19.95 13.05
N TYR C 154 -35.37 19.18 11.98
CA TYR C 154 -36.10 19.43 10.75
C TYR C 154 -37.61 19.44 10.98
N GLU C 155 -38.11 18.44 11.70
CA GLU C 155 -39.56 18.34 11.93
C GLU C 155 -40.11 19.55 12.70
N SER C 156 -39.34 20.05 13.66
CA SER C 156 -39.82 21.17 14.47
C SER C 156 -40.00 22.42 13.62
N ILE C 157 -39.34 22.45 12.48
CA ILE C 157 -39.45 23.59 11.57
C ILE C 157 -40.49 23.36 10.48
N TYR C 158 -40.49 22.17 9.88
CA TYR C 158 -41.34 21.92 8.73
C TYR C 158 -42.56 21.05 8.99
N GLY C 159 -42.67 20.48 10.19
CA GLY C 159 -43.88 19.77 10.59
C GLY C 159 -43.89 18.27 10.39
N LYS C 160 -42.97 17.77 9.57
CA LYS C 160 -42.82 16.34 9.36
C LYS C 160 -41.34 16.00 9.35
N PRO C 161 -41.00 14.75 9.71
CA PRO C 161 -39.61 14.32 9.55
C PRO C 161 -39.23 14.35 8.07
N PHE C 162 -37.94 14.42 7.81
CA PHE C 162 -37.37 14.70 6.48
C PHE C 162 -38.04 13.95 5.31
N TYR C 163 -38.00 12.63 5.33
CA TYR C 163 -38.52 11.88 4.18
C TYR C 163 -40.05 11.86 4.09
N GLU C 164 -40.73 12.06 5.21
CA GLU C 164 -42.18 12.23 5.19
C GLU C 164 -42.55 13.56 4.56
N ASP C 165 -41.73 14.58 4.83
CA ASP C 165 -41.94 15.91 4.24
C ASP C 165 -41.73 15.86 2.73
N LEU C 166 -40.66 15.21 2.29
CA LEU C 166 -40.42 15.02 0.85
C LEU C 166 -41.57 14.22 0.22
N ALA C 167 -42.10 13.25 0.96
CA ALA C 167 -43.20 12.44 0.47
C ALA C 167 -44.45 13.28 0.20
N GLY C 168 -44.64 14.33 1.00
CA GLY C 168 -45.79 15.20 0.84
C GLY C 168 -45.56 16.39 -0.08
N ARG C 169 -44.34 16.50 -0.58
CA ARG C 169 -43.93 17.59 -1.47
C ARG C 169 -43.15 17.05 -2.66
N PRO C 170 -43.86 16.50 -3.67
CA PRO C 170 -43.19 15.88 -4.82
C PRO C 170 -42.18 16.78 -5.50
N ASP C 171 -42.39 18.10 -5.45
CA ASP C 171 -41.41 19.04 -6.01
C ASP C 171 -40.08 19.00 -5.25
N LEU C 172 -40.16 18.90 -3.93
CA LEU C 172 -38.97 18.81 -3.08
C LEU C 172 -38.31 17.42 -3.23
N ARG C 173 -39.14 16.41 -3.37
CA ARG C 173 -38.66 15.05 -3.62
C ARG C 173 -37.79 15.03 -4.86
N ALA C 174 -38.31 15.65 -5.93
CA ALA C 174 -37.63 15.68 -7.21
C ALA C 174 -36.37 16.53 -7.13
N SER C 175 -36.45 17.64 -6.39
CA SER C 175 -35.31 18.51 -6.21
C SER C 175 -34.17 17.78 -5.46
N PHE C 176 -34.54 17.06 -4.41
CA PHE C 176 -33.58 16.28 -3.61
C PHE C 176 -32.89 15.22 -4.48
N ASP C 177 -33.69 14.46 -5.23
CA ASP C 177 -33.15 13.41 -6.08
C ASP C 177 -32.16 13.94 -7.13
N SER C 178 -32.48 15.09 -7.73
CA SER C 178 -31.61 15.68 -8.75
C SER C 178 -30.34 16.27 -8.14
N LEU C 179 -30.43 16.85 -6.96
CA LEU C 179 -29.25 17.38 -6.26
C LEU C 179 -28.25 16.26 -5.95
N LEU C 180 -28.74 15.17 -5.37
CA LEU C 180 -27.83 14.08 -4.99
C LEU C 180 -27.19 13.44 -6.21
N ALA C 181 -27.90 13.51 -7.31
CA ALA C 181 -27.41 12.92 -8.54
C ALA C 181 -26.72 13.96 -9.41
N CYS C 182 -26.38 15.12 -8.85
CA CYS C 182 -25.85 16.22 -9.67
C CYS C 182 -24.59 15.74 -10.39
N ASP C 183 -23.98 14.69 -9.85
CA ASP C 183 -22.87 14.05 -10.52
C ASP C 183 -23.39 12.64 -10.89
N GLN C 184 -24.29 12.60 -11.89
CA GLN C 184 -25.04 11.41 -12.33
C GLN C 184 -24.35 10.24 -13.04
N ASP C 185 -23.32 10.52 -13.81
CA ASP C 185 -22.76 9.47 -14.65
C ASP C 185 -21.27 9.24 -14.45
N VAL C 186 -20.55 10.28 -14.04
CA VAL C 186 -19.12 10.16 -13.81
C VAL C 186 -18.83 9.60 -12.41
N ALA C 187 -19.64 9.98 -11.42
CA ALA C 187 -19.37 9.59 -10.03
C ALA C 187 -19.64 8.11 -9.77
N PHE C 188 -20.72 7.55 -10.32
CA PHE C 188 -21.07 6.15 -10.03
C PHE C 188 -20.20 5.19 -10.82
N ASP C 189 -19.33 5.74 -11.65
CA ASP C 189 -18.44 4.92 -12.46
C ASP C 189 -17.40 4.35 -11.52
N ALA C 190 -16.94 5.17 -10.58
CA ALA C 190 -15.91 4.75 -9.63
C ALA C 190 -16.33 3.56 -8.75
N PRO C 191 -17.49 3.63 -8.08
CA PRO C 191 -17.81 2.46 -7.24
C PRO C 191 -18.16 1.22 -8.07
N ALA C 192 -18.79 1.41 -9.21
CA ALA C 192 -19.13 0.29 -10.09
C ALA C 192 -17.88 -0.38 -10.64
N ALA C 193 -16.86 0.42 -10.95
CA ALA C 193 -15.63 -0.09 -11.54
C ALA C 193 -14.74 -0.79 -10.52
N ALA C 194 -15.03 -0.58 -9.24
CA ALA C 194 -14.16 -1.08 -8.19
C ALA C 194 -14.62 -2.43 -7.63
N TYR C 195 -15.69 -2.98 -8.18
CA TYR C 195 -16.18 -4.28 -7.75
C TYR C 195 -16.25 -5.24 -8.93
N ASP C 196 -15.89 -6.50 -8.68
CA ASP C 196 -15.89 -7.51 -9.73
C ASP C 196 -17.25 -8.21 -9.80
N TRP C 197 -17.97 -7.95 -10.89
CA TRP C 197 -19.33 -8.42 -11.06
C TRP C 197 -19.46 -9.78 -11.75
N THR C 198 -18.32 -10.44 -11.99
CA THR C 198 -18.30 -11.69 -12.77
C THR C 198 -19.23 -12.77 -12.22
N ASN C 199 -19.20 -12.98 -10.92
CA ASN C 199 -20.04 -14.02 -10.30
C ASN C 199 -21.32 -13.46 -9.72
N VAL C 200 -21.69 -12.26 -10.17
CA VAL C 200 -22.92 -11.66 -9.69
C VAL C 200 -23.97 -11.83 -10.78
N ARG C 201 -25.11 -12.42 -10.43
CA ARG C 201 -26.17 -12.56 -11.40
C ARG C 201 -27.20 -11.45 -11.20
N HIS C 202 -27.57 -11.19 -9.95
CA HIS C 202 -28.48 -10.09 -9.66
C HIS C 202 -28.01 -9.16 -8.55
N VAL C 203 -28.29 -7.88 -8.73
CA VAL C 203 -27.95 -6.82 -7.79
C VAL C 203 -29.24 -6.18 -7.26
N LEU C 204 -29.30 -5.91 -5.97
CA LEU C 204 -30.42 -5.15 -5.39
C LEU C 204 -29.90 -3.85 -4.79
N ASP C 205 -30.33 -2.71 -5.34
CA ASP C 205 -29.89 -1.42 -4.83
C ASP C 205 -30.92 -0.84 -3.88
N VAL C 206 -30.63 -0.93 -2.59
CA VAL C 206 -31.57 -0.59 -1.54
C VAL C 206 -31.48 0.92 -1.28
N GLY C 207 -32.58 1.63 -1.55
CA GLY C 207 -32.56 3.09 -1.47
C GLY C 207 -31.71 3.67 -2.59
N GLY C 208 -31.90 3.14 -3.81
CA GLY C 208 -31.01 3.42 -4.92
C GLY C 208 -31.13 4.72 -5.70
N GLY C 209 -31.87 5.70 -5.18
CA GLY C 209 -32.00 6.99 -5.83
C GLY C 209 -32.65 6.87 -7.20
N LYS C 210 -32.12 7.59 -8.19
CA LYS C 210 -32.66 7.54 -9.55
C LYS C 210 -32.19 6.32 -10.34
N GLY C 211 -31.42 5.44 -9.69
CA GLY C 211 -30.92 4.25 -10.36
C GLY C 211 -29.58 4.42 -11.05
N GLY C 212 -28.87 5.50 -10.71
CA GLY C 212 -27.58 5.77 -11.29
C GLY C 212 -26.56 4.67 -11.02
N PHE C 213 -26.57 4.15 -9.80
CA PHE C 213 -25.64 3.10 -9.40
C PHE C 213 -25.95 1.80 -10.15
N ALA C 214 -27.22 1.40 -10.13
CA ALA C 214 -27.64 0.19 -10.83
C ALA C 214 -27.33 0.30 -12.31
N ALA C 215 -27.50 1.49 -12.88
CA ALA C 215 -27.24 1.72 -14.29
C ALA C 215 -25.75 1.55 -14.62
N ALA C 216 -24.89 2.14 -13.80
CA ALA C 216 -23.45 2.04 -14.01
C ALA C 216 -22.98 0.58 -13.96
N ILE C 217 -23.56 -0.19 -13.03
CA ILE C 217 -23.24 -1.61 -12.91
C ILE C 217 -23.67 -2.33 -14.18
N ALA C 218 -24.86 -1.97 -14.67
CA ALA C 218 -25.40 -2.57 -15.88
C ALA C 218 -24.46 -2.36 -17.07
N ARG C 219 -23.83 -1.19 -17.13
CA ARG C 219 -22.93 -0.87 -18.23
C ARG C 219 -21.64 -1.71 -18.22
N ARG C 220 -21.08 -1.94 -17.03
CA ARG C 220 -19.83 -2.72 -16.94
C ARG C 220 -20.08 -4.22 -16.95
N ALA C 221 -21.29 -4.62 -16.57
CA ALA C 221 -21.60 -6.03 -16.47
C ALA C 221 -22.93 -6.36 -17.14
N PRO C 222 -22.89 -6.48 -18.48
CA PRO C 222 -24.10 -6.71 -19.30
C PRO C 222 -24.86 -7.97 -18.88
N HIS C 223 -24.19 -8.89 -18.22
CA HIS C 223 -24.82 -10.14 -17.80
C HIS C 223 -25.64 -9.96 -16.53
N VAL C 224 -25.39 -8.86 -15.82
CA VAL C 224 -26.04 -8.61 -14.55
C VAL C 224 -27.45 -8.04 -14.74
N SER C 225 -28.39 -8.49 -13.92
CA SER C 225 -29.68 -7.83 -13.79
C SER C 225 -29.75 -7.13 -12.44
N ALA C 226 -30.48 -6.03 -12.37
CA ALA C 226 -30.55 -5.23 -11.14
C ALA C 226 -31.98 -4.84 -10.79
N THR C 227 -32.20 -4.60 -9.50
CA THR C 227 -33.47 -4.09 -9.00
C THR C 227 -33.21 -2.89 -8.09
N VAL C 228 -33.90 -1.78 -8.34
CA VAL C 228 -33.79 -0.61 -7.47
C VAL C 228 -34.99 -0.56 -6.53
N LEU C 229 -34.72 -0.56 -5.23
CA LEU C 229 -35.78 -0.40 -4.25
C LEU C 229 -35.79 1.04 -3.76
N GLU C 230 -36.92 1.71 -3.93
CA GLU C 230 -37.01 3.13 -3.55
C GLU C 230 -38.40 3.53 -3.06
N MET C 231 -38.54 4.80 -2.70
CA MET C 231 -39.79 5.35 -2.22
C MET C 231 -40.66 5.85 -3.37
N ALA C 232 -41.94 6.08 -3.08
CA ALA C 232 -42.85 6.67 -4.06
C ALA C 232 -42.29 7.96 -4.63
N GLY C 233 -42.57 8.20 -5.90
CA GLY C 233 -42.10 9.40 -6.58
C GLY C 233 -40.71 9.19 -7.16
N THR C 234 -39.77 8.84 -6.29
CA THR C 234 -38.43 8.52 -6.73
C THR C 234 -38.45 7.30 -7.66
N VAL C 235 -39.33 6.35 -7.38
CA VAL C 235 -39.42 5.14 -8.23
C VAL C 235 -39.76 5.50 -9.67
N ASP C 236 -40.58 6.54 -9.86
CA ASP C 236 -40.99 6.95 -11.19
C ASP C 236 -39.84 7.66 -11.88
N THR C 237 -39.11 8.46 -11.11
CA THR C 237 -37.92 9.13 -11.60
C THR C 237 -36.87 8.11 -12.02
N ALA C 238 -36.77 7.05 -11.22
CA ALA C 238 -35.84 5.97 -11.52
C ALA C 238 -36.22 5.26 -12.81
N ARG C 239 -37.48 4.83 -12.91
CA ARG C 239 -37.98 4.14 -14.09
C ARG C 239 -37.77 4.96 -15.34
N SER C 240 -38.08 6.25 -15.25
CA SER C 240 -37.92 7.14 -16.39
C SER C 240 -36.45 7.28 -16.79
N TYR C 241 -35.57 7.37 -15.80
CA TYR C 241 -34.13 7.47 -16.09
C TYR C 241 -33.59 6.23 -16.79
N LEU C 242 -33.95 5.07 -16.26
CA LEU C 242 -33.49 3.79 -16.79
C LEU C 242 -34.03 3.51 -18.18
N LYS C 243 -35.24 3.96 -18.45
CA LYS C 243 -35.84 3.81 -19.76
C LYS C 243 -35.07 4.65 -20.79
N ASP C 244 -34.74 5.89 -20.43
CA ASP C 244 -33.91 6.75 -21.28
C ASP C 244 -32.53 6.14 -21.51
N GLU C 245 -32.05 5.38 -20.54
CA GLU C 245 -30.76 4.72 -20.64
C GLU C 245 -30.90 3.40 -21.41
N GLY C 246 -32.14 3.02 -21.72
CA GLY C 246 -32.42 1.77 -22.40
C GLY C 246 -32.06 0.56 -21.55
N LEU C 247 -32.27 0.68 -20.25
CA LEU C 247 -31.92 -0.39 -19.31
C LEU C 247 -33.13 -0.98 -18.62
N SER C 248 -34.33 -0.66 -19.11
CA SER C 248 -35.57 -1.12 -18.49
C SER C 248 -35.67 -2.64 -18.47
N ASP C 249 -35.03 -3.28 -19.45
CA ASP C 249 -35.08 -4.73 -19.60
C ASP C 249 -34.13 -5.44 -18.65
N ARG C 250 -33.21 -4.68 -18.05
CA ARG C 250 -32.18 -5.25 -17.21
C ARG C 250 -32.26 -4.75 -15.77
N VAL C 251 -32.76 -3.53 -15.61
CA VAL C 251 -32.91 -2.92 -14.29
C VAL C 251 -34.37 -2.53 -14.06
N ASP C 252 -35.02 -3.17 -13.09
CA ASP C 252 -36.40 -2.80 -12.75
C ASP C 252 -36.44 -1.98 -11.47
N VAL C 253 -37.59 -1.37 -11.20
CA VAL C 253 -37.74 -0.54 -10.02
C VAL C 253 -38.94 -0.98 -9.18
N VAL C 254 -38.70 -1.18 -7.89
CA VAL C 254 -39.74 -1.58 -6.96
C VAL C 254 -39.92 -0.54 -5.86
N GLU C 255 -41.16 -0.13 -5.64
CA GLU C 255 -41.47 0.74 -4.50
C GLU C 255 -41.59 -0.11 -3.25
N GLY C 256 -40.95 0.34 -2.17
CA GLY C 256 -40.97 -0.41 -0.93
C GLY C 256 -40.27 0.29 0.22
N ASP C 257 -40.22 -0.39 1.34
CA ASP C 257 -39.71 0.15 2.59
C ASP C 257 -38.61 -0.79 3.06
N PHE C 258 -37.37 -0.30 3.15
CA PHE C 258 -36.27 -1.20 3.45
C PHE C 258 -36.19 -1.57 4.93
N PHE C 259 -37.14 -1.10 5.73
CA PHE C 259 -37.27 -1.61 7.09
C PHE C 259 -38.08 -2.90 7.12
N GLU C 260 -38.79 -3.16 6.02
CA GLU C 260 -39.55 -4.39 5.87
C GLU C 260 -38.68 -5.45 5.17
N PRO C 261 -39.13 -6.71 5.16
CA PRO C 261 -38.38 -7.71 4.38
C PRO C 261 -38.18 -7.25 2.93
N LEU C 262 -36.97 -7.43 2.40
CA LEU C 262 -36.68 -6.96 1.04
C LEU C 262 -37.39 -7.81 -0.01
N PRO C 263 -37.79 -7.18 -1.13
CA PRO C 263 -38.68 -7.80 -2.13
C PRO C 263 -38.09 -9.02 -2.86
N ARG C 264 -36.77 -9.20 -2.79
CA ARG C 264 -36.15 -10.36 -3.41
C ARG C 264 -34.75 -10.61 -2.86
N LYS C 265 -34.16 -11.73 -3.23
CA LYS C 265 -32.79 -12.02 -2.84
C LYS C 265 -31.83 -11.53 -3.92
N ALA C 266 -30.55 -11.39 -3.57
CA ALA C 266 -29.56 -10.86 -4.51
C ALA C 266 -28.17 -11.34 -4.12
N ASP C 267 -27.27 -11.38 -5.10
CA ASP C 267 -25.86 -11.74 -4.86
C ASP C 267 -25.08 -10.55 -4.35
N ALA C 268 -25.52 -9.35 -4.73
CA ALA C 268 -24.91 -8.12 -4.26
C ALA C 268 -26.01 -7.16 -3.88
N ILE C 269 -25.94 -6.63 -2.66
CA ILE C 269 -26.94 -5.67 -2.21
C ILE C 269 -26.23 -4.35 -1.91
N ILE C 270 -26.72 -3.28 -2.52
CA ILE C 270 -26.07 -1.97 -2.45
C ILE C 270 -26.73 -1.07 -1.41
N LEU C 271 -25.90 -0.47 -0.56
CA LEU C 271 -26.34 0.60 0.32
C LEU C 271 -25.46 1.82 0.07
N SER C 272 -25.85 2.64 -0.90
CA SER C 272 -25.04 3.80 -1.28
C SER C 272 -25.63 5.07 -0.67
N PHE C 273 -24.89 5.64 0.28
CA PHE C 273 -25.36 6.84 0.99
C PHE C 273 -26.76 6.69 1.55
N VAL C 274 -26.97 5.57 2.24
CA VAL C 274 -28.21 5.29 2.95
C VAL C 274 -28.00 5.28 4.46
N LEU C 275 -27.04 4.49 4.95
CA LEU C 275 -26.90 4.30 6.39
C LEU C 275 -26.60 5.59 7.16
N LEU C 276 -25.93 6.55 6.53
CA LEU C 276 -25.66 7.82 7.22
C LEU C 276 -26.93 8.61 7.53
N ASN C 277 -28.05 8.24 6.91
CA ASN C 277 -29.34 8.89 7.18
C ASN C 277 -29.95 8.47 8.51
N TRP C 278 -29.33 7.48 9.15
CA TRP C 278 -30.00 6.75 10.23
C TRP C 278 -29.16 6.62 11.48
N PRO C 279 -29.81 6.76 12.64
CA PRO C 279 -29.11 6.46 13.91
C PRO C 279 -28.76 4.99 13.99
N ASP C 280 -27.88 4.66 14.93
CA ASP C 280 -27.35 3.29 15.03
C ASP C 280 -28.42 2.20 15.04
N HIS C 281 -29.47 2.37 15.84
CA HIS C 281 -30.44 1.30 15.98
C HIS C 281 -31.21 1.07 14.68
N ASP C 282 -31.45 2.15 13.92
CA ASP C 282 -32.09 2.01 12.61
C ASP C 282 -31.14 1.47 11.55
N ALA C 283 -29.88 1.90 11.59
CA ALA C 283 -28.89 1.42 10.63
C ALA C 283 -28.73 -0.10 10.74
N VAL C 284 -28.76 -0.61 11.96
CA VAL C 284 -28.66 -2.04 12.18
C VAL C 284 -29.89 -2.76 11.63
N ARG C 285 -31.06 -2.17 11.79
CA ARG C 285 -32.29 -2.76 11.24
C ARG C 285 -32.20 -2.92 9.73
N ILE C 286 -31.75 -1.88 9.04
CA ILE C 286 -31.60 -1.91 7.59
C ILE C 286 -30.58 -2.97 7.15
N LEU C 287 -29.42 -2.98 7.80
CA LEU C 287 -28.38 -3.95 7.50
C LEU C 287 -28.87 -5.38 7.70
N THR C 288 -29.70 -5.59 8.73
CA THR C 288 -30.25 -6.91 9.02
C THR C 288 -31.21 -7.38 7.93
N ARG C 289 -32.07 -6.48 7.46
CA ARG C 289 -32.93 -6.78 6.32
C ARG C 289 -32.13 -7.18 5.09
N CYS C 290 -31.00 -6.50 4.86
CA CYS C 290 -30.13 -6.80 3.72
C CYS C 290 -29.48 -8.17 3.87
N ALA C 291 -28.97 -8.44 5.06
CA ALA C 291 -28.35 -9.73 5.35
C ALA C 291 -29.32 -10.87 5.10
N GLU C 292 -30.57 -10.67 5.52
CA GLU C 292 -31.59 -11.69 5.38
C GLU C 292 -32.00 -11.89 3.93
N ALA C 293 -31.62 -10.96 3.07
CA ALA C 293 -31.96 -11.05 1.65
C ALA C 293 -30.78 -11.50 0.79
N LEU C 294 -29.65 -11.79 1.44
CA LEU C 294 -28.45 -12.20 0.72
C LEU C 294 -28.52 -13.65 0.27
N GLU C 295 -28.22 -13.89 -1.00
CA GLU C 295 -27.98 -15.26 -1.50
C GLU C 295 -26.73 -15.83 -0.84
N PRO C 296 -26.57 -17.16 -0.87
CA PRO C 296 -25.31 -17.74 -0.39
C PRO C 296 -24.12 -17.16 -1.14
N GLY C 297 -23.07 -16.77 -0.41
CA GLY C 297 -21.90 -16.21 -1.05
C GLY C 297 -22.07 -14.74 -1.41
N GLY C 298 -23.25 -14.21 -1.09
CA GLY C 298 -23.56 -12.82 -1.42
C GLY C 298 -22.79 -11.81 -0.59
N ARG C 299 -22.78 -10.55 -1.04
CA ARG C 299 -22.08 -9.47 -0.34
C ARG C 299 -22.97 -8.24 -0.26
N ILE C 300 -22.79 -7.47 0.81
CA ILE C 300 -23.42 -6.16 0.95
C ILE C 300 -22.36 -5.10 0.69
N LEU C 301 -22.68 -4.15 -0.17
CA LEU C 301 -21.73 -3.10 -0.57
C LEU C 301 -22.19 -1.76 0.00
N ILE C 302 -21.39 -1.15 0.85
CA ILE C 302 -21.71 0.15 1.42
C ILE C 302 -20.82 1.22 0.79
N HIS C 303 -21.47 2.20 0.19
CA HIS C 303 -20.82 3.31 -0.48
C HIS C 303 -21.02 4.57 0.34
N GLU C 304 -19.97 5.00 1.02
CA GLU C 304 -19.99 6.16 1.92
C GLU C 304 -18.59 6.65 2.23
N ARG C 305 -18.50 7.71 3.01
CA ARG C 305 -17.22 8.11 3.58
C ARG C 305 -16.80 7.12 4.66
N ASP C 306 -15.50 6.98 4.87
CA ASP C 306 -14.98 6.08 5.88
C ASP C 306 -13.67 6.59 6.47
N ASP C 307 -13.66 7.87 6.87
CA ASP C 307 -12.47 8.47 7.46
C ASP C 307 -12.06 7.82 8.78
N LEU C 308 -10.76 7.62 8.97
CA LEU C 308 -10.23 7.45 10.32
C LEU C 308 -10.66 8.65 11.15
N HIS C 309 -10.95 8.43 12.42
CA HIS C 309 -11.36 9.53 13.29
C HIS C 309 -10.33 10.67 13.23
N GLU C 310 -9.05 10.32 13.33
CA GLU C 310 -7.99 11.33 13.33
C GLU C 310 -7.91 12.13 12.03
N ASN C 311 -8.50 11.58 10.96
CA ASN C 311 -8.54 12.24 9.66
C ASN C 311 -9.89 12.90 9.35
N SER C 312 -10.80 12.88 10.32
CA SER C 312 -12.17 13.33 10.06
C SER C 312 -12.42 14.80 10.39
N PHE C 313 -11.40 15.47 10.94
CA PHE C 313 -11.57 16.88 11.34
C PHE C 313 -11.37 17.80 10.14
N ASN C 314 -12.25 17.66 9.16
CA ASN C 314 -12.18 18.42 7.93
C ASN C 314 -13.58 18.86 7.50
N GLU C 315 -13.65 19.90 6.68
CA GLU C 315 -14.93 20.53 6.34
C GLU C 315 -15.88 19.68 5.48
N GLN C 316 -15.33 18.76 4.70
CA GLN C 316 -16.18 17.87 3.90
C GLN C 316 -16.94 16.93 4.82
N PHE C 317 -16.20 16.30 5.73
CA PHE C 317 -16.82 15.40 6.71
C PHE C 317 -17.87 16.13 7.55
N THR C 318 -17.52 17.29 8.09
CA THR C 318 -18.43 17.93 9.04
C THR C 318 -19.69 18.50 8.39
N GLU C 319 -19.59 19.01 7.17
CA GLU C 319 -20.79 19.54 6.51
C GLU C 319 -21.83 18.44 6.35
N LEU C 320 -21.39 17.30 5.82
CA LEU C 320 -22.31 16.20 5.58
C LEU C 320 -22.77 15.62 6.91
N ASP C 321 -21.83 15.45 7.84
CA ASP C 321 -22.18 14.88 9.13
C ASP C 321 -23.17 15.74 9.92
N LEU C 322 -22.94 17.04 9.93
CA LEU C 322 -23.84 17.91 10.69
C LEU C 322 -25.20 18.03 10.00
N ARG C 323 -25.22 18.00 8.67
CA ARG C 323 -26.51 17.93 7.98
C ARG C 323 -27.26 16.66 8.38
N MET C 324 -26.55 15.54 8.48
CA MET C 324 -27.25 14.31 8.90
C MET C 324 -27.81 14.47 10.30
N LEU C 325 -27.08 15.15 11.17
CA LEU C 325 -27.58 15.37 12.53
C LEU C 325 -28.90 16.14 12.53
N VAL C 326 -28.92 17.33 11.95
CA VAL C 326 -30.11 18.17 12.09
C VAL C 326 -31.24 17.80 11.13
N PHE C 327 -30.92 17.22 9.97
CA PHE C 327 -31.98 16.78 9.04
C PHE C 327 -32.67 15.51 9.57
N LEU C 328 -31.87 14.59 10.08
CA LEU C 328 -32.31 13.19 10.19
C LEU C 328 -31.92 12.46 11.48
N GLY C 329 -31.00 13.03 12.25
CA GLY C 329 -30.50 12.32 13.41
C GLY C 329 -29.59 11.17 12.99
N GLY C 330 -29.10 11.22 11.75
CA GLY C 330 -28.15 10.23 11.25
C GLY C 330 -26.74 10.70 11.58
N ALA C 331 -25.75 10.11 10.93
CA ALA C 331 -24.35 10.39 11.22
C ALA C 331 -23.40 9.74 10.21
N LEU C 332 -22.30 10.43 9.89
CA LEU C 332 -21.20 9.74 9.23
C LEU C 332 -20.54 8.86 10.28
N ARG C 333 -20.06 7.69 9.86
CA ARG C 333 -19.40 6.80 10.80
C ARG C 333 -17.94 6.68 10.44
N THR C 334 -17.08 6.97 11.42
CA THR C 334 -15.64 6.85 11.21
C THR C 334 -15.25 5.38 11.17
N ARG C 335 -14.02 5.13 10.74
CA ARG C 335 -13.57 3.77 10.42
C ARG C 335 -13.80 2.76 11.55
N GLU C 336 -13.61 3.17 12.80
CA GLU C 336 -13.67 2.21 13.90
C GLU C 336 -15.09 1.73 14.22
N LYS C 337 -16.09 2.47 13.76
CA LYS C 337 -17.50 2.13 14.00
C LYS C 337 -18.01 0.92 13.20
N TRP C 338 -17.48 0.74 12.00
CA TRP C 338 -18.02 -0.22 11.04
C TRP C 338 -17.93 -1.71 11.39
N ASP C 339 -16.81 -2.17 11.96
CA ASP C 339 -16.72 -3.59 12.32
C ASP C 339 -17.80 -3.98 13.32
N GLY C 340 -18.03 -3.11 14.30
CA GLY C 340 -19.06 -3.33 15.30
C GLY C 340 -20.47 -3.21 14.76
N LEU C 341 -20.73 -2.22 13.91
CA LEU C 341 -22.04 -2.06 13.29
C LEU C 341 -22.42 -3.30 12.49
N ALA C 342 -21.45 -3.78 11.70
CA ALA C 342 -21.62 -4.97 10.89
C ALA C 342 -21.92 -6.18 11.78
N ALA C 343 -21.14 -6.34 12.85
CA ALA C 343 -21.29 -7.44 13.78
C ALA C 343 -22.72 -7.48 14.35
N SER C 344 -23.24 -6.32 14.70
CA SER C 344 -24.58 -6.22 15.28
C SER C 344 -25.66 -6.67 14.32
N ALA C 345 -25.35 -6.63 13.03
CA ALA C 345 -26.29 -7.03 11.99
C ALA C 345 -26.01 -8.45 11.51
N GLY C 346 -25.06 -9.12 12.16
CA GLY C 346 -24.70 -10.47 11.79
C GLY C 346 -23.81 -10.50 10.56
N LEU C 347 -23.05 -9.42 10.39
CA LEU C 347 -22.19 -9.28 9.22
C LEU C 347 -20.75 -9.04 9.64
N VAL C 348 -19.85 -9.19 8.68
CA VAL C 348 -18.45 -8.90 8.93
C VAL C 348 -17.89 -8.11 7.75
N VAL C 349 -17.04 -7.12 8.02
CA VAL C 349 -16.40 -6.37 6.95
C VAL C 349 -15.26 -7.17 6.31
N GLU C 350 -15.47 -7.58 5.06
CA GLU C 350 -14.47 -8.36 4.35
C GLU C 350 -13.32 -7.49 3.88
N GLU C 351 -13.67 -6.30 3.40
CA GLU C 351 -12.70 -5.46 2.73
C GLU C 351 -13.25 -4.05 2.60
N VAL C 352 -12.35 -3.06 2.66
CA VAL C 352 -12.71 -1.67 2.42
C VAL C 352 -11.89 -1.12 1.27
N ARG C 353 -12.57 -0.79 0.17
CA ARG C 353 -11.91 -0.26 -1.00
C ARG C 353 -12.02 1.26 -1.04
N GLN C 354 -10.89 1.96 -0.90
CA GLN C 354 -10.89 3.43 -1.06
C GLN C 354 -11.05 3.78 -2.53
N LEU C 355 -12.07 4.56 -2.85
CA LEU C 355 -12.39 4.86 -4.23
C LEU C 355 -11.60 6.05 -4.76
N PRO C 356 -11.26 6.04 -6.05
CA PRO C 356 -10.65 7.22 -6.68
C PRO C 356 -11.63 8.39 -6.73
N SER C 357 -11.11 9.61 -6.76
CA SER C 357 -11.94 10.80 -6.94
C SER C 357 -11.78 11.34 -8.36
N PRO C 358 -12.68 10.92 -9.27
CA PRO C 358 -12.58 11.29 -10.69
C PRO C 358 -12.87 12.77 -10.94
N THR C 359 -13.50 13.43 -9.97
CA THR C 359 -13.86 14.83 -10.10
C THR C 359 -13.20 15.66 -9.01
N ILE C 360 -14.00 16.07 -8.02
CA ILE C 360 -13.47 16.85 -6.90
C ILE C 360 -12.76 15.92 -5.92
N PRO C 361 -11.77 16.47 -5.19
CA PRO C 361 -11.14 15.64 -4.15
C PRO C 361 -12.10 15.45 -2.98
N TYR C 362 -12.83 14.35 -3.02
CA TYR C 362 -13.85 14.02 -2.02
C TYR C 362 -13.75 12.54 -1.77
N ASP C 363 -13.10 12.16 -0.66
CA ASP C 363 -12.73 10.78 -0.42
C ASP C 363 -13.90 9.88 -0.06
N LEU C 364 -14.12 8.86 -0.90
CA LEU C 364 -15.19 7.91 -0.66
C LEU C 364 -14.65 6.50 -0.70
N SER C 365 -15.35 5.59 -0.05
CA SER C 365 -14.91 4.20 -0.07
C SER C 365 -16.07 3.25 -0.33
N LEU C 366 -15.72 2.03 -0.66
CA LEU C 366 -16.68 0.95 -0.82
C LEU C 366 -16.38 -0.15 0.18
N LEU C 367 -17.23 -0.32 1.17
CA LEU C 367 -17.05 -1.41 2.14
C LEU C 367 -17.77 -2.65 1.65
N VAL C 368 -17.09 -3.78 1.72
CA VAL C 368 -17.68 -5.04 1.28
C VAL C 368 -17.94 -5.91 2.50
N LEU C 369 -19.21 -6.22 2.74
CA LEU C 369 -19.63 -6.97 3.93
C LEU C 369 -20.14 -8.36 3.58
N ALA C 370 -19.82 -9.32 4.44
CA ALA C 370 -20.23 -10.71 4.25
C ALA C 370 -21.00 -11.18 5.48
N PRO C 371 -21.80 -12.25 5.34
CA PRO C 371 -22.41 -12.84 6.54
C PRO C 371 -21.35 -13.29 7.52
N ALA C 372 -21.55 -13.03 8.81
CA ALA C 372 -20.57 -13.47 9.81
C ALA C 372 -20.80 -14.96 10.03
N ALA C 373 -19.72 -15.74 9.93
CA ALA C 373 -19.85 -17.19 9.97
C ALA C 373 -18.72 -17.81 10.76
N SAH D . 7.14 -11.13 16.72
CA SAH D . 8.12 -11.96 15.99
CB SAH D . 8.27 -13.36 16.59
CG SAH D . 6.98 -14.05 17.02
SD SAH D . 7.28 -15.76 17.57
C SAH D . 7.79 -12.06 14.50
O SAH D . 8.56 -12.63 13.73
OXT SAH D . 6.77 -11.57 14.01
C5' SAH D . 6.47 -15.57 19.19
C4' SAH D . 7.44 -15.06 20.25
O4' SAH D . 6.83 -15.03 21.53
C3' SAH D . 8.68 -15.95 20.41
O3' SAH D . 9.85 -15.28 19.98
C2' SAH D . 8.74 -16.25 21.91
O2' SAH D . 10.05 -16.17 22.47
C1' SAH D . 7.85 -15.17 22.50
N9 SAH D . 7.23 -15.56 23.77
C8 SAH D . 6.55 -16.72 24.05
N7 SAH D . 6.11 -16.65 25.34
C5 SAH D . 6.51 -15.46 25.86
C6 SAH D . 6.35 -14.85 27.09
N6 SAH D . 5.68 -15.47 28.08
N1 SAH D . 6.88 -13.60 27.31
C2 SAH D . 7.58 -12.95 26.33
N3 SAH D . 7.74 -13.54 25.09
C4 SAH D . 7.20 -14.76 24.87
CL1 P9P E . 5.45 -21.86 17.01
C02 P9P E . 5.28 -21.32 15.37
C03 P9P E . 5.39 -22.23 14.34
C04 P9P E . 5.22 -21.75 13.05
N05 P9P E . 5.33 -22.66 11.98
O06 P9P E . 4.92 -22.25 10.76
O07 P9P E . 5.78 -23.78 12.19
C08 P9P E . 4.95 -20.43 12.78
C09 P9P E . 4.84 -19.52 13.83
C10 P9P E . 5.00 -20.00 15.12
O11 P9P E . 4.90 -19.10 16.20
CL1 P9P F . 4.71 -15.94 4.48
C02 P9P F . 5.31 -16.79 5.88
C03 P9P F . 4.56 -17.79 6.46
C04 P9P F . 5.05 -18.44 7.57
N05 P9P F . 4.29 -19.46 8.19
O06 P9P F . 4.76 -19.97 9.35
O07 P9P F . 3.26 -19.87 7.69
C08 P9P F . 6.30 -18.09 8.10
C09 P9P F . 7.05 -17.10 7.50
C10 P9P F . 6.55 -16.44 6.38
O11 P9P F . 7.27 -15.40 5.75
CL1 P9P G . 6.38 -13.41 8.49
C02 P9P G . 6.09 -14.31 9.94
C03 P9P G . 5.09 -15.27 9.91
C04 P9P G . 4.83 -16.02 11.04
N05 P9P G . 3.78 -16.96 10.98
O06 P9P G . 3.30 -17.49 12.15
O07 P9P G . 3.27 -17.24 9.91
C08 P9P G . 5.54 -15.82 12.21
C09 P9P G . 6.55 -14.86 12.25
C10 P9P G . 6.83 -14.11 11.11
O11 P9P G . 7.84 -13.14 11.16
CL1 P9P H . 9.23 -17.63 -1.19
C02 P9P H . 8.54 -17.76 0.39
C03 P9P H . 8.20 -18.98 0.95
C04 P9P H . 7.67 -19.00 2.22
N05 P9P H . 7.30 -20.24 2.78
O06 P9P H . 7.23 -20.40 4.14
O07 P9P H . 7.04 -21.17 2.03
C08 P9P H . 7.46 -17.83 2.93
C09 P9P H . 7.80 -16.61 2.37
C10 P9P H . 8.35 -16.58 1.09
O11 P9P H . 8.71 -15.37 0.48
CL1 P9P I . 4.02 -19.98 2.58
C02 P9P I . 2.85 -21.22 2.23
C03 P9P I . 2.35 -21.40 0.96
C04 P9P I . 1.42 -22.40 0.72
N05 P9P I . 0.91 -22.58 -0.59
O06 P9P I . -0.14 -23.41 -0.80
O07 P9P I . 1.42 -21.96 -1.52
C08 P9P I . 0.98 -23.22 1.76
C09 P9P I . 1.49 -23.03 3.03
C10 P9P I . 2.42 -22.04 3.26
O11 P9P I . 2.94 -21.84 4.56
CL1 P9P J . 7.44 0.62 0.81
C02 P9P J . 8.34 1.90 1.60
C03 P9P J . 8.15 3.20 1.21
C04 P9P J . 8.87 4.21 1.84
N05 P9P J . 8.68 5.56 1.45
O06 P9P J . 9.43 6.54 2.02
O07 P9P J . 7.83 5.81 0.60
C08 P9P J . 9.77 3.91 2.86
C09 P9P J . 9.96 2.60 3.25
C10 P9P J . 9.24 1.59 2.62
O11 P9P J . 9.43 0.26 3.02
S SO4 K . -8.38 -24.07 26.00
O1 SO4 K . -9.12 -25.12 26.70
O2 SO4 K . -6.99 -24.52 25.89
O3 SO4 K . -8.90 -23.87 24.65
O4 SO4 K . -8.46 -22.81 26.73
S SO4 L . 6.59 -23.60 5.50
O1 SO4 L . 7.95 -23.33 5.07
O2 SO4 L . 6.49 -24.83 6.30
O3 SO4 L . 6.04 -22.43 6.22
O4 SO4 L . 5.76 -23.79 4.30
S SO4 M . 16.93 -34.10 18.79
O1 SO4 M . 18.16 -33.36 19.01
O2 SO4 M . 17.26 -35.48 18.41
O3 SO4 M . 16.10 -34.15 20.00
O4 SO4 M . 16.19 -33.46 17.70
S SO4 N . 29.31 -31.42 -0.92
O1 SO4 N . 29.51 -32.19 0.31
O2 SO4 N . 28.98 -32.35 -1.98
O3 SO4 N . 30.54 -30.69 -1.24
O4 SO4 N . 28.21 -30.46 -0.76
CL1 P9P O . 8.51 -13.85 -5.01
C02 P9P O . 9.48 -15.30 -4.88
C03 P9P O . 8.86 -16.53 -4.83
C04 P9P O . 9.62 -17.67 -4.72
N05 P9P O . 8.97 -18.94 -4.68
O06 P9P O . 9.68 -20.04 -4.32
O07 P9P O . 7.80 -19.02 -5.01
C08 P9P O . 11.01 -17.61 -4.66
C09 P9P O . 11.64 -16.39 -4.71
C10 P9P O . 10.88 -15.23 -4.82
O11 P9P O . 11.54 -13.98 -4.86
N SAH P . 22.54 -3.54 -14.24
CA SAH P . 22.72 -2.86 -12.96
CB SAH P . 23.55 -1.57 -13.10
CG SAH P . 23.23 -0.66 -14.27
SD SAH P . 24.15 0.92 -14.24
C SAH P . 21.39 -2.59 -12.24
O SAH P . 20.32 -2.91 -12.76
OXT SAH P . 21.34 -2.07 -11.11
C5' SAH P . 24.87 0.73 -15.90
C4' SAH P . 26.22 -0.01 -15.87
O4' SAH P . 26.81 -0.05 -17.16
C3' SAH P . 27.24 0.66 -14.94
O3' SAH P . 27.52 -0.16 -13.81
C2' SAH P . 28.49 0.82 -15.79
O2' SAH P . 29.67 0.43 -15.14
C1' SAH P . 28.21 -0.12 -16.96
N9 SAH P . 28.89 0.28 -18.20
C8 SAH P . 28.93 1.53 -18.78
N7 SAH P . 29.65 1.43 -19.94
C5 SAH P . 30.05 0.15 -20.09
C6 SAH P . 30.79 -0.52 -21.06
N6 SAH P . 31.27 0.11 -22.13
N1 SAH P . 31.04 -1.87 -20.91
C2 SAH P . 30.56 -2.56 -19.82
N3 SAH P . 29.83 -1.90 -18.86
C4 SAH P . 29.59 -0.58 -18.99
CL1 P9P Q . 23.66 7.21 -14.80
C02 P9P Q . 22.18 6.85 -13.96
C03 P9P Q . 21.60 7.79 -13.13
C04 P9P Q . 20.42 7.48 -12.48
N05 P9P Q . 19.84 8.46 -11.66
O06 P9P Q . 18.55 8.32 -11.24
O07 P9P Q . 20.50 9.43 -11.35
C08 P9P Q . 19.79 6.26 -12.66
C09 P9P Q . 20.38 5.32 -13.49
C10 P9P Q . 21.56 5.61 -14.14
O11 P9P Q . 22.15 4.67 -14.98
CL1 P9P R . 12.52 2.50 -8.00
C02 P9P R . 14.10 3.11 -8.35
C03 P9P R . 14.26 4.18 -9.21
C04 P9P R . 15.54 4.64 -9.46
N05 P9P R . 15.72 5.73 -10.35
O06 P9P R . 16.99 6.12 -10.67
O07 P9P R . 14.75 6.33 -10.78
C08 P9P R . 16.65 4.06 -8.86
C09 P9P R . 16.47 2.99 -7.99
C10 P9P R . 15.19 2.52 -7.74
O11 P9P R . 14.97 1.44 -6.87
CL1 P9P S . 16.12 -0.56 -9.48
C02 P9P S . 17.21 0.29 -10.55
C03 P9P S . 16.73 1.39 -11.21
C04 P9P S . 17.57 2.09 -12.06
N05 P9P S . 17.05 3.21 -12.76
O06 P9P S . 17.77 3.74 -13.78
O07 P9P S . 15.95 3.65 -12.47
C08 P9P S . 18.88 1.68 -12.25
C09 P9P S . 19.36 0.56 -11.58
C10 P9P S . 18.52 -0.13 -10.74
O11 P9P S . 19.02 -1.26 -10.07
CL1 P9P T . 11.30 3.90 -0.73
C02 P9P T . 12.14 4.00 -2.23
C03 P9P T . 12.59 5.20 -2.74
C04 P9P T . 13.26 5.21 -3.96
N05 P9P T . 13.72 6.46 -4.46
O06 P9P T . 14.67 6.53 -5.43
O07 P9P T . 13.22 7.48 -4.00
C08 P9P T . 13.46 4.04 -4.66
C09 P9P T . 13.00 2.84 -4.14
C10 P9P T . 12.34 2.83 -2.93
O11 P9P T . 11.85 1.65 -2.35
CL1 P9P U . 11.54 6.63 -7.03
C02 P9P U . 10.78 8.11 -7.53
C03 P9P U . 9.53 8.46 -7.04
C04 P9P U . 8.94 9.64 -7.43
N05 P9P U . 7.66 9.99 -6.93
O06 P9P U . 6.88 10.87 -7.60
O07 P9P U . 7.28 9.48 -5.88
C08 P9P U . 9.58 10.48 -8.32
C09 P9P U . 10.83 10.14 -8.82
C10 P9P U . 11.42 8.96 -8.43
O11 P9P U . 12.69 8.60 -8.92
S SO4 V . 22.49 11.23 -30.88
O1 SO4 V . 22.83 10.04 -31.66
O2 SO4 V . 23.29 11.29 -29.67
O3 SO4 V . 21.08 11.15 -30.51
O4 SO4 V . 22.74 12.44 -31.66
S SO4 W . 15.84 9.62 -6.49
O1 SO4 W . 16.33 9.17 -5.20
O2 SO4 W . 15.88 8.51 -7.45
O3 SO4 W . 16.60 10.77 -7.00
O4 SO4 W . 14.44 10.03 -6.33
S SO4 X . 34.48 17.52 -6.72
O1 SO4 X . 35.08 17.52 -8.06
O2 SO4 X . 34.57 16.19 -6.12
O3 SO4 X . 35.18 18.48 -5.88
O4 SO4 X . 33.07 17.90 -6.82
S SO4 Y . 28.38 34.19 13.16
O1 SO4 Y . 29.37 33.59 14.05
O2 SO4 Y . 27.80 33.16 12.31
O3 SO4 Y . 29.02 35.21 12.33
O4 SO4 Y . 27.31 34.81 13.95
N SAH Z . -28.47 5.48 -3.19
CA SAH Z . -28.67 6.79 -3.82
CB SAH Z . -29.65 7.66 -3.03
CG SAH Z . -29.35 7.78 -1.53
SD SAH Z . -30.30 9.08 -0.69
C SAH Z . -27.35 7.52 -4.04
O SAH Z . -26.26 7.02 -3.71
OXT SAH Z . -27.33 8.64 -4.54
C5' SAH Z . -31.12 7.88 0.40
C4' SAH Z . -32.35 7.26 -0.24
O4' SAH Z . -32.99 6.40 0.67
C3' SAH Z . -33.41 8.30 -0.64
O3' SAH Z . -33.50 8.39 -2.03
C2' SAH Z . -34.72 7.78 -0.07
O2' SAH Z . -35.72 7.74 -1.06
C1' SAH Z . -34.37 6.36 0.36
N9 SAH Z . -35.18 5.90 1.52
C8 SAH Z . -35.34 6.54 2.72
N7 SAH Z . -36.13 5.79 3.51
C5 SAH Z . -36.48 4.68 2.82
C6 SAH Z . -37.26 3.56 3.15
N6 SAH Z . -37.85 3.44 4.33
N1 SAH Z . -37.43 2.56 2.21
C2 SAH Z . -36.83 2.65 0.97
N3 SAH Z . -36.05 3.74 0.66
C4 SAH Z . -35.88 4.73 1.57
CL1 P9P AA . -30.68 13.80 3.36
C02 P9P AA . -29.16 14.11 2.57
C03 P9P AA . -28.67 15.40 2.45
C04 P9P AA . -27.46 15.62 1.83
N05 P9P AA . -26.99 16.95 1.72
O06 P9P AA . -25.71 17.23 1.35
O07 P9P AA . -27.76 17.86 1.97
C08 P9P AA . -26.73 14.57 1.31
C09 P9P AA . -27.21 13.27 1.44
C10 P9P AA . -28.43 13.06 2.06
O11 P9P AA . -28.94 11.75 2.21
CL1 P9P BA . -22.33 10.79 -4.75
C02 P9P BA . -23.52 10.92 -3.48
C03 P9P BA . -23.16 11.52 -2.29
C04 P9P BA . -24.09 11.63 -1.26
N05 P9P BA . -23.70 12.24 -0.05
O06 P9P BA . -24.51 12.11 1.04
O07 P9P BA . -22.64 12.84 0.01
C08 P9P BA . -25.38 11.14 -1.43
C09 P9P BA . -25.74 10.53 -2.62
C10 P9P BA . -24.80 10.43 -3.66
O11 P9P BA . -25.17 9.82 -4.86
CL1 P9P CA . -19.03 14.34 -3.76
C02 P9P CA . -20.69 14.70 -3.36
C03 P9P CA . -21.01 15.06 -2.08
C04 P9P CA . -22.33 15.35 -1.75
N05 P9P CA . -22.66 15.73 -0.42
O06 P9P CA . -23.96 15.76 -0.03
O07 P9P CA . -21.77 16.03 0.36
C08 P9P CA . -23.31 15.26 -2.73
C09 P9P CA . -22.99 14.88 -4.02
C10 P9P CA . -21.67 14.59 -4.34
O11 P9P CA . -21.34 14.21 -5.65
S SO4 DA . -42.01 26.33 1.18
O1 SO4 DA . -40.56 26.11 1.18
O2 SO4 DA . -42.54 26.00 -0.13
O3 SO4 DA . -42.63 25.50 2.23
O4 SO4 DA . -42.30 27.73 1.48
#